data_8S0P
#
_entry.id   8S0P
#
_cell.length_a   45.710
_cell.length_b   211.560
_cell.length_c   55.650
_cell.angle_alpha   90.00
_cell.angle_beta   96.58
_cell.angle_gamma   90.00
#
_symmetry.space_group_name_H-M   'P 1 21 1'
#
loop_
_entity.id
_entity.type
_entity.pdbx_description
1 polymer 'Tyrosine-protein phosphatase non-receptor type 11'
2 non-polymer 1-[3-[2,3-bis(chloranyl)phenyl]-1H-pyrrolo[3,2-b]pyridin-6-yl]-4-methyl-piperidin-4-amine
3 water water
#
_entity_poly.entity_id   1
_entity_poly.type   'polypeptide(L)'
_entity_poly.pdbx_seq_one_letter_code
;HMTSRRWFHPNITGVEAENLLLTRGVDGSFLARPSKSNPGDFTLSVRRNGAVTHIKIQNTGDYYDLYGGEKFATLAELVQ
YYMEHHGQLKEKNGDVIELKYPLNCADPTSERWFHGHLSGKEAEKLLTEKGKHGSFLVRESQSHPGDFVLSVRTGDDKGE
SNDGKSKVTHVMIRCQELKYDVGGGERFDSLTDLVEHYKKNPMVETLGTVLQLKQPLNTTRINAAEIESRVRELSKLAET
TDKVKQGFWEEFETLQQQECKLLYSRKEGQRQENKNKNRYKNILPFDHTRVVLHDGDPNEPVSDYINANIIMPEFETKCN
NSKPKKSYIATQGCLQNTVNDFWRMVFQENSRVIVMTTKEVERGKSKCVKYWPDEYALKEYGVMRVRNVKESAAHDYTLR
ELKLSKVGQGNTERTVWQYHFRTWPDHGVPSDPGGVLDFLEEVHHKQESIMDAGPVVVHCSAGIGRTGTFIVIDILIDII
REKGVDCDIDVPKTIQMVRSQRSGMVQTEAQYRFIYMAVQHYIETLQRRLEHHHHHH
;
_entity_poly.pdbx_strand_id   A,B
#
loop_
_chem_comp.id
_chem_comp.type
_chem_comp.name
_chem_comp.formula
A1H4O non-polymer 1-[3-[2,3-bis(chloranyl)phenyl]-1H-pyrrolo[3,2-b]pyridin-6-yl]-4-methyl-piperidin-4-amine 'C19 H20 Cl2 N4'
#
# COMPACT_ATOMS: atom_id res chain seq x y z
N SER A 4 -13.52 3.89 4.61
CA SER A 4 -14.64 3.59 3.69
C SER A 4 -15.10 2.08 3.76
N ARG A 5 -16.40 1.86 3.96
CA ARG A 5 -16.98 0.58 4.44
C ARG A 5 -17.35 -0.27 3.15
N ARG A 6 -16.40 -1.03 2.55
CA ARG A 6 -16.59 -1.47 1.12
C ARG A 6 -17.56 -2.61 0.87
N TRP A 7 -17.73 -3.49 1.84
CA TRP A 7 -18.74 -4.57 1.88
C TRP A 7 -20.19 -4.05 2.07
N PHE A 8 -20.38 -2.77 2.26
CA PHE A 8 -21.71 -2.17 2.34
C PHE A 8 -22.12 -1.67 0.97
N HIS A 9 -23.23 -2.19 0.47
CA HIS A 9 -23.76 -1.85 -0.85
C HIS A 9 -25.04 -1.03 -0.70
N PRO A 10 -25.01 0.32 -0.80
CA PRO A 10 -26.21 1.11 -0.47
C PRO A 10 -27.40 0.99 -1.40
N ASN A 11 -27.19 0.64 -2.68
CA ASN A 11 -28.26 0.74 -3.70
C ASN A 11 -28.38 -0.56 -4.48
N ILE A 12 -28.56 -1.65 -3.79
CA ILE A 12 -28.67 -2.98 -4.36
C ILE A 12 -29.99 -3.60 -3.87
N THR A 13 -30.66 -4.39 -4.74
CA THR A 13 -31.81 -5.21 -4.36
C THR A 13 -31.30 -6.57 -3.76
N GLY A 14 -32.21 -7.35 -3.17
CA GLY A 14 -31.92 -8.70 -2.69
C GLY A 14 -31.50 -9.70 -3.74
N VAL A 15 -32.15 -9.73 -4.93
CA VAL A 15 -31.73 -10.60 -6.03
C VAL A 15 -30.40 -10.11 -6.67
N GLU A 16 -30.19 -8.79 -6.81
CA GLU A 16 -28.86 -8.28 -7.20
C GLU A 16 -27.76 -8.73 -6.23
N ALA A 17 -28.01 -8.68 -4.93
CA ALA A 17 -27.07 -9.21 -3.92
C ALA A 17 -26.79 -10.70 -4.15
N GLU A 18 -27.84 -11.50 -4.42
CA GLU A 18 -27.67 -12.91 -4.70
C GLU A 18 -26.80 -13.16 -5.92
N ASN A 19 -27.08 -12.45 -7.01
CA ASN A 19 -26.34 -12.63 -8.24
C ASN A 19 -24.90 -12.21 -8.11
N LEU A 20 -24.64 -11.13 -7.33
CA LEU A 20 -23.28 -10.71 -7.04
C LEU A 20 -22.50 -11.79 -6.31
N LEU A 21 -23.09 -12.35 -5.24
CA LEU A 21 -22.40 -13.37 -4.47
C LEU A 21 -22.23 -14.67 -5.25
N LEU A 22 -23.18 -15.00 -6.13
CA LEU A 22 -23.09 -16.24 -6.89
C LEU A 22 -22.14 -16.15 -8.07
N THR A 23 -21.96 -14.98 -8.70
CA THR A 23 -21.07 -14.81 -9.86
C THR A 23 -19.69 -14.26 -9.50
N ARG A 24 -19.60 -13.34 -8.53
CA ARG A 24 -18.31 -12.72 -8.16
C ARG A 24 -17.74 -13.18 -6.80
N GLY A 25 -18.51 -13.96 -6.06
CA GLY A 25 -18.08 -14.46 -4.76
C GLY A 25 -17.89 -15.95 -4.74
N VAL A 26 -17.50 -16.44 -3.56
CA VAL A 26 -17.33 -17.84 -3.21
C VAL A 26 -18.01 -18.11 -1.87
N ASP A 27 -18.03 -19.38 -1.40
CA ASP A 27 -18.56 -19.70 -0.08
C ASP A 27 -17.76 -18.94 0.99
N GLY A 28 -18.45 -18.26 1.87
CA GLY A 28 -17.84 -17.34 2.81
C GLY A 28 -17.89 -15.89 2.41
N SER A 29 -18.24 -15.59 1.14
CA SER A 29 -18.43 -14.20 0.72
C SER A 29 -19.65 -13.60 1.37
N PHE A 30 -19.60 -12.29 1.62
CA PHE A 30 -20.73 -11.59 2.23
C PHE A 30 -20.72 -10.08 1.85
N LEU A 31 -21.89 -9.49 1.98
CA LEU A 31 -22.07 -8.06 1.87
C LEU A 31 -23.24 -7.67 2.81
N ALA A 32 -23.32 -6.40 3.15
CA ALA A 32 -24.45 -5.85 3.86
C ALA A 32 -25.10 -4.80 2.99
N ARG A 33 -26.41 -4.62 3.16
CA ARG A 33 -27.18 -3.68 2.37
C ARG A 33 -28.36 -3.15 3.16
N PRO A 34 -28.86 -1.94 2.83
CA PRO A 34 -30.04 -1.42 3.53
C PRO A 34 -31.32 -1.86 2.84
N SER A 35 -32.45 -1.77 3.53
CA SER A 35 -33.75 -1.86 2.85
C SER A 35 -34.07 -0.54 2.16
N LYS A 36 -34.80 -0.63 1.04
CA LYS A 36 -35.07 0.51 0.18
C LYS A 36 -36.23 1.35 0.66
N SER A 37 -36.99 0.88 1.68
CA SER A 37 -38.26 1.43 2.13
C SER A 37 -38.23 1.73 3.65
N ASN A 38 -37.61 0.82 4.46
CA ASN A 38 -37.44 0.99 5.89
C ASN A 38 -35.98 1.33 6.16
N PRO A 39 -35.64 2.50 6.73
CA PRO A 39 -34.29 2.62 7.33
C PRO A 39 -34.29 1.86 8.66
N GLY A 40 -33.12 1.53 9.12
CA GLY A 40 -33.00 0.67 10.30
C GLY A 40 -33.34 -0.77 10.02
N ASP A 41 -33.80 -1.15 8.80
CA ASP A 41 -33.67 -2.54 8.38
C ASP A 41 -32.45 -2.67 7.46
N PHE A 42 -31.61 -3.64 7.80
CA PHE A 42 -30.44 -4.00 7.04
C PHE A 42 -30.43 -5.51 6.83
N THR A 43 -29.68 -5.96 5.83
CA THR A 43 -29.53 -7.38 5.56
C THR A 43 -28.07 -7.71 5.39
N LEU A 44 -27.62 -8.75 6.09
CA LEU A 44 -26.36 -9.37 5.86
C LEU A 44 -26.60 -10.57 4.91
N SER A 45 -26.14 -10.46 3.65
CA SER A 45 -26.24 -11.52 2.64
C SER A 45 -24.94 -12.31 2.57
N VAL A 46 -25.00 -13.66 2.73
CA VAL A 46 -23.81 -14.50 2.89
C VAL A 46 -23.93 -15.71 1.96
N ARG A 47 -22.86 -16.07 1.29
CA ARG A 47 -22.82 -17.29 0.53
C ARG A 47 -22.28 -18.42 1.38
N ARG A 48 -23.01 -19.55 1.40
CA ARG A 48 -22.61 -20.77 2.13
C ARG A 48 -23.10 -21.96 1.34
N ASN A 49 -22.22 -22.90 1.01
CA ASN A 49 -22.53 -24.08 0.15
C ASN A 49 -23.26 -23.75 -1.18
N GLY A 50 -22.73 -22.82 -1.98
CA GLY A 50 -23.32 -22.52 -3.29
C GLY A 50 -24.70 -21.88 -3.28
N ALA A 51 -25.21 -21.52 -2.07
CA ALA A 51 -26.46 -20.78 -1.92
C ALA A 51 -26.22 -19.51 -1.08
N VAL A 52 -27.15 -18.55 -1.17
CA VAL A 52 -27.11 -17.30 -0.43
C VAL A 52 -28.15 -17.30 0.69
N THR A 53 -27.72 -16.94 1.91
CA THR A 53 -28.65 -16.67 3.01
C THR A 53 -28.68 -15.18 3.34
N HIS A 54 -29.87 -14.66 3.61
CA HIS A 54 -30.09 -13.28 3.99
C HIS A 54 -30.48 -13.24 5.45
N ILE A 55 -29.68 -12.52 6.28
CA ILE A 55 -29.87 -12.40 7.70
C ILE A 55 -30.26 -10.97 8.07
N LYS A 56 -31.41 -10.80 8.72
CA LYS A 56 -31.91 -9.49 9.07
C LYS A 56 -31.16 -8.89 10.23
N ILE A 57 -30.95 -7.57 10.13
CA ILE A 57 -30.43 -6.75 11.22
C ILE A 57 -31.44 -5.61 11.38
N GLN A 58 -31.97 -5.45 12.59
CA GLN A 58 -32.88 -4.36 12.88
C GLN A 58 -32.20 -3.35 13.76
N ASN A 59 -32.41 -2.09 13.47
CA ASN A 59 -32.09 -1.03 14.40
C ASN A 59 -33.31 -0.15 14.66
N THR A 60 -33.89 -0.20 15.87
CA THR A 60 -34.98 0.76 16.23
C THR A 60 -34.49 2.02 16.93
N GLY A 61 -33.21 2.11 17.22
CA GLY A 61 -32.66 3.26 17.89
C GLY A 61 -31.63 2.97 18.94
N ASP A 62 -31.55 1.72 19.42
CA ASP A 62 -30.66 1.41 20.54
C ASP A 62 -29.38 0.67 20.17
N TYR A 63 -29.44 -0.09 19.09
CA TYR A 63 -28.37 -1.00 18.68
C TYR A 63 -28.78 -1.69 17.38
N TYR A 64 -27.81 -2.27 16.72
CA TYR A 64 -28.06 -3.20 15.62
C TYR A 64 -28.33 -4.60 16.19
N ASP A 65 -29.47 -5.15 15.90
CA ASP A 65 -29.89 -6.43 16.42
C ASP A 65 -29.86 -7.42 15.25
N LEU A 66 -28.81 -8.29 15.22
CA LEU A 66 -28.63 -9.30 14.17
C LEU A 66 -29.50 -10.51 14.59
N TYR A 67 -30.47 -10.91 13.74
CA TYR A 67 -31.22 -12.17 13.98
C TYR A 67 -30.24 -13.37 14.08
N GLY A 68 -30.40 -14.23 15.10
CA GLY A 68 -29.51 -15.36 15.36
C GLY A 68 -28.07 -14.98 15.70
N GLY A 69 -27.91 -13.78 16.23
CA GLY A 69 -26.60 -13.23 16.53
C GLY A 69 -26.68 -12.25 17.68
N GLU A 70 -25.71 -11.38 17.75
CA GLU A 70 -25.58 -10.47 18.88
C GLU A 70 -26.15 -9.07 18.51
N LYS A 71 -26.06 -8.17 19.48
CA LYS A 71 -26.32 -6.76 19.31
C LYS A 71 -24.99 -6.01 19.23
N PHE A 72 -24.91 -5.06 18.33
CA PHE A 72 -23.73 -4.32 17.99
C PHE A 72 -23.98 -2.82 17.90
N ALA A 73 -22.94 -2.05 18.16
CA ALA A 73 -22.99 -0.61 18.10
C ALA A 73 -22.91 -0.04 16.68
N THR A 74 -22.18 -0.72 15.79
CA THR A 74 -22.08 -0.36 14.38
C THR A 74 -21.98 -1.63 13.53
N LEU A 75 -22.37 -1.51 12.26
CA LEU A 75 -22.22 -2.65 11.31
C LEU A 75 -20.74 -3.03 11.13
N ALA A 76 -19.83 -2.07 11.17
CA ALA A 76 -18.39 -2.37 11.05
C ALA A 76 -17.92 -3.17 12.26
N GLU A 77 -18.43 -2.84 13.49
CA GLU A 77 -18.08 -3.61 14.67
C GLU A 77 -18.69 -5.00 14.60
N LEU A 78 -19.85 -5.12 13.98
CA LEU A 78 -20.51 -6.42 13.74
C LEU A 78 -19.66 -7.25 12.83
N VAL A 79 -19.23 -6.71 11.70
CA VAL A 79 -18.44 -7.44 10.72
C VAL A 79 -17.08 -7.79 11.29
N GLN A 80 -16.40 -6.86 11.99
CA GLN A 80 -15.15 -7.18 12.67
C GLN A 80 -15.28 -8.35 13.64
N TYR A 81 -16.35 -8.36 14.45
CA TYR A 81 -16.63 -9.41 15.44
C TYR A 81 -16.70 -10.78 14.75
N TYR A 82 -17.53 -10.92 13.71
CA TYR A 82 -17.75 -12.23 13.11
C TYR A 82 -16.57 -12.66 12.21
N MET A 83 -15.82 -11.74 11.59
CA MET A 83 -14.60 -12.08 10.86
C MET A 83 -13.45 -12.52 11.79
N GLU A 84 -13.48 -12.08 13.06
CA GLU A 84 -12.51 -12.53 14.07
C GLU A 84 -13.12 -13.56 15.03
N HIS A 85 -14.30 -14.17 14.71
CA HIS A 85 -15.00 -15.21 15.52
C HIS A 85 -15.78 -16.17 14.60
N GLN A 88 -19.59 -18.56 15.44
CA GLN A 88 -20.30 -17.63 16.31
C GLN A 88 -21.64 -17.20 15.71
N LEU A 89 -21.78 -17.16 14.37
CA LEU A 89 -23.04 -16.82 13.73
C LEU A 89 -23.71 -18.08 13.20
N LYS A 90 -24.95 -18.35 13.63
CA LYS A 90 -25.72 -19.55 13.24
C LYS A 90 -27.11 -19.17 12.74
N GLU A 91 -27.69 -20.06 11.92
CA GLU A 91 -29.08 -19.94 11.49
C GLU A 91 -30.06 -20.37 12.63
N LYS A 92 -31.39 -20.19 12.40
CA LYS A 92 -32.50 -20.96 13.01
C LYS A 92 -32.11 -22.38 13.48
N ASN A 93 -31.42 -23.13 12.60
CA ASN A 93 -31.10 -24.55 12.81
C ASN A 93 -29.99 -24.72 13.86
N GLY A 94 -28.92 -23.93 13.75
CA GLY A 94 -27.69 -24.23 14.47
C GLY A 94 -26.46 -24.33 13.60
N ASP A 95 -26.62 -24.27 12.26
CA ASP A 95 -25.50 -24.39 11.32
C ASP A 95 -24.71 -23.09 11.36
N VAL A 96 -23.38 -23.20 11.48
CA VAL A 96 -22.48 -22.06 11.37
C VAL A 96 -22.55 -21.37 10.01
N ILE A 97 -22.67 -20.04 10.04
CA ILE A 97 -22.55 -19.16 8.88
C ILE A 97 -21.19 -18.45 9.05
N GLU A 98 -20.28 -18.63 8.09
CA GLU A 98 -18.96 -18.00 8.14
C GLU A 98 -18.90 -16.74 7.31
N LEU A 99 -18.40 -15.65 7.90
CA LEU A 99 -18.10 -14.42 7.19
C LEU A 99 -16.61 -14.42 6.95
N LYS A 100 -16.21 -14.66 5.71
CA LYS A 100 -14.79 -14.78 5.35
C LYS A 100 -14.36 -13.68 4.40
N TYR A 101 -15.11 -13.46 3.29
CA TYR A 101 -14.65 -12.59 2.23
C TYR A 101 -15.64 -11.45 1.95
N PRO A 102 -15.29 -10.21 2.34
CA PRO A 102 -16.13 -9.08 1.94
C PRO A 102 -16.21 -8.92 0.45
N LEU A 103 -17.42 -8.77 -0.06
CA LEU A 103 -17.64 -8.48 -1.46
C LEU A 103 -17.74 -6.95 -1.62
N ASN A 104 -16.72 -6.34 -2.20
CA ASN A 104 -16.67 -4.89 -2.38
C ASN A 104 -17.66 -4.26 -3.37
N CYS A 105 -18.14 -3.10 -3.01
CA CYS A 105 -19.04 -2.30 -3.76
C CYS A 105 -18.23 -1.20 -4.46
N ALA A 106 -18.59 -0.88 -5.70
CA ALA A 106 -17.87 0.10 -6.50
C ALA A 106 -18.61 1.47 -6.53
N ASP A 107 -19.90 1.48 -6.18
CA ASP A 107 -20.74 2.67 -6.06
C ASP A 107 -20.00 3.77 -5.24
N PRO A 108 -19.76 4.97 -5.85
CA PRO A 108 -19.15 6.08 -5.11
C PRO A 108 -20.12 7.02 -4.41
N THR A 109 -21.45 6.84 -4.58
CA THR A 109 -22.44 7.87 -4.19
C THR A 109 -22.51 8.17 -2.68
N SER A 110 -22.00 7.31 -1.80
CA SER A 110 -21.90 7.58 -0.37
C SER A 110 -20.53 8.07 0.08
N GLU A 111 -19.62 8.43 -0.85
CA GLU A 111 -18.31 8.94 -0.47
C GLU A 111 -18.37 10.44 -0.26
N ARG A 112 -17.61 10.95 0.73
CA ARG A 112 -17.64 12.38 1.07
C ARG A 112 -17.18 13.28 -0.09
N TRP A 113 -16.34 12.74 -0.99
CA TRP A 113 -15.73 13.46 -2.11
C TRP A 113 -16.54 13.39 -3.39
N PHE A 114 -17.61 12.58 -3.46
CA PHE A 114 -18.34 12.41 -4.70
C PHE A 114 -19.49 13.41 -4.88
N HIS A 115 -19.47 14.15 -6.00
CA HIS A 115 -20.42 15.19 -6.35
C HIS A 115 -21.27 14.97 -7.61
N GLY A 116 -21.24 13.80 -8.26
CA GLY A 116 -22.13 13.52 -9.39
C GLY A 116 -22.14 14.62 -10.43
N HIS A 117 -23.34 15.10 -10.84
CA HIS A 117 -23.42 16.20 -11.82
C HIS A 117 -22.93 17.51 -11.20
N LEU A 118 -21.78 18.00 -11.63
CA LEU A 118 -21.20 19.25 -11.11
C LEU A 118 -20.21 19.74 -12.17
N SER A 119 -20.19 21.05 -12.47
CA SER A 119 -19.34 21.65 -13.50
C SER A 119 -18.00 22.07 -12.93
N GLY A 120 -17.06 22.31 -13.82
CA GLY A 120 -15.71 22.72 -13.44
C GLY A 120 -15.69 24.08 -12.78
N LYS A 121 -16.45 25.06 -13.31
CA LYS A 121 -16.55 26.36 -12.65
C LYS A 121 -17.31 26.25 -11.32
N GLU A 122 -18.38 25.43 -11.23
CA GLU A 122 -19.06 25.19 -9.95
C GLU A 122 -18.09 24.61 -8.90
N ALA A 123 -17.35 23.54 -9.29
CA ALA A 123 -16.36 22.88 -8.45
C ALA A 123 -15.28 23.85 -8.07
N GLU A 124 -14.84 24.72 -9.00
CA GLU A 124 -13.77 25.67 -8.73
C GLU A 124 -14.24 26.69 -7.71
N LYS A 125 -15.48 27.17 -7.84
CA LYS A 125 -15.98 28.19 -6.93
C LYS A 125 -16.18 27.62 -5.53
N LEU A 126 -16.63 26.36 -5.41
CA LEU A 126 -16.71 25.68 -4.11
C LEU A 126 -15.34 25.50 -3.48
N LEU A 127 -14.35 25.02 -4.25
CA LEU A 127 -12.99 24.87 -3.75
C LEU A 127 -12.34 26.23 -3.42
N THR A 128 -12.65 27.28 -4.17
CA THR A 128 -12.17 28.64 -3.89
C THR A 128 -12.78 29.19 -2.59
N GLU A 129 -14.12 29.08 -2.43
CA GLU A 129 -14.84 29.61 -1.28
C GLU A 129 -14.65 28.82 0.02
N LYS A 130 -14.53 27.48 -0.07
CA LYS A 130 -14.61 26.58 1.10
C LYS A 130 -13.44 25.64 1.26
N GLY A 131 -12.79 25.29 0.15
CA GLY A 131 -11.64 24.40 0.20
C GLY A 131 -10.42 25.10 0.75
N LYS A 132 -9.41 24.32 1.06
CA LYS A 132 -8.08 24.78 1.41
C LYS A 132 -7.06 23.89 0.66
N HIS A 133 -5.73 23.96 0.97
CA HIS A 133 -4.75 23.09 0.33
C HIS A 133 -5.13 21.62 0.53
N GLY A 134 -5.18 20.87 -0.56
CA GLY A 134 -5.51 19.46 -0.56
C GLY A 134 -6.98 19.13 -0.53
N SER A 135 -7.87 20.13 -0.60
CA SER A 135 -9.31 19.86 -0.70
C SER A 135 -9.63 19.36 -2.08
N PHE A 136 -10.44 18.32 -2.17
CA PHE A 136 -10.71 17.65 -3.42
C PHE A 136 -12.14 17.13 -3.49
N LEU A 137 -12.55 16.87 -4.72
CA LEU A 137 -13.79 16.22 -5.04
C LEU A 137 -13.64 15.46 -6.37
N VAL A 138 -14.54 14.53 -6.60
CA VAL A 138 -14.70 13.81 -7.84
C VAL A 138 -16.09 14.14 -8.33
N ARG A 139 -16.20 14.50 -9.62
CA ARG A 139 -17.47 14.82 -10.27
C ARG A 139 -17.61 14.05 -11.59
N GLU A 140 -18.83 14.01 -12.14
CA GLU A 140 -19.08 13.44 -13.47
C GLU A 140 -18.63 14.43 -14.53
N SER A 141 -17.91 13.93 -15.55
CA SER A 141 -17.50 14.75 -16.70
C SER A 141 -18.75 15.15 -17.51
N GLN A 142 -18.84 16.42 -17.84
CA GLN A 142 -19.94 16.98 -18.64
C GLN A 142 -19.59 16.91 -20.13
N SER A 143 -18.30 17.06 -20.48
CA SER A 143 -17.82 16.93 -21.83
C SER A 143 -17.73 15.46 -22.29
N HIS A 144 -17.46 14.52 -21.39
CA HIS A 144 -17.18 13.15 -21.75
C HIS A 144 -18.10 12.26 -20.96
N PRO A 145 -19.29 11.93 -21.50
CA PRO A 145 -20.24 11.12 -20.72
C PRO A 145 -19.66 9.77 -20.32
N GLY A 146 -19.97 9.35 -19.11
CA GLY A 146 -19.40 8.13 -18.53
C GLY A 146 -18.08 8.33 -17.79
N ASP A 147 -17.29 9.37 -18.16
CA ASP A 147 -16.05 9.74 -17.50
C ASP A 147 -16.28 10.65 -16.26
N PHE A 148 -15.21 10.86 -15.48
CA PHE A 148 -15.25 11.59 -14.23
C PHE A 148 -14.09 12.57 -14.20
N VAL A 149 -14.09 13.52 -13.26
CA VAL A 149 -13.00 14.50 -13.08
C VAL A 149 -12.65 14.69 -11.61
N LEU A 150 -11.37 14.58 -11.28
CA LEU A 150 -10.87 14.87 -9.95
C LEU A 150 -10.45 16.33 -9.90
N SER A 151 -11.16 17.15 -9.11
CA SER A 151 -10.81 18.55 -8.88
C SER A 151 -10.14 18.73 -7.50
N VAL A 152 -8.92 19.33 -7.47
CA VAL A 152 -8.08 19.42 -6.28
C VAL A 152 -7.61 20.86 -6.14
N ARG A 153 -7.83 21.52 -5.00
CA ARG A 153 -7.16 22.76 -4.66
C ARG A 153 -5.81 22.42 -4.08
N THR A 154 -4.78 23.14 -4.51
CA THR A 154 -3.47 23.12 -3.86
C THR A 154 -3.06 24.58 -3.67
N GLY A 155 -2.24 24.87 -2.67
CA GLY A 155 -1.78 26.23 -2.45
C GLY A 155 -1.02 26.45 -1.18
N ASP A 156 -0.97 27.72 -0.76
CA ASP A 156 -0.31 28.13 0.46
C ASP A 156 -1.25 27.93 1.65
N ASP A 157 -2.25 28.85 1.84
CA ASP A 157 -3.04 29.02 3.06
C ASP A 157 -2.33 29.97 4.07
N SER A 161 -6.07 36.18 1.08
CA SER A 161 -6.52 36.81 -0.16
C SER A 161 -6.16 35.95 -1.40
N ASN A 162 -6.82 36.24 -2.53
CA ASN A 162 -6.63 35.56 -3.84
C ASN A 162 -5.43 36.17 -4.55
N ASP A 163 -4.23 35.83 -4.06
CA ASP A 163 -2.94 36.34 -4.56
C ASP A 163 -2.23 35.38 -5.55
N GLY A 164 -2.95 34.39 -6.07
CA GLY A 164 -2.38 33.41 -6.98
C GLY A 164 -1.50 32.35 -6.34
N LYS A 165 -1.31 32.40 -5.03
CA LYS A 165 -0.55 31.36 -4.32
C LYS A 165 -1.25 29.98 -4.33
N SER A 166 -2.58 29.95 -4.58
CA SER A 166 -3.36 28.72 -4.68
C SER A 166 -4.01 28.55 -6.07
N LYS A 167 -4.42 27.32 -6.40
CA LYS A 167 -4.99 26.95 -7.69
C LYS A 167 -5.91 25.74 -7.57
N VAL A 168 -6.75 25.52 -8.60
CA VAL A 168 -7.57 24.32 -8.74
C VAL A 168 -7.13 23.54 -10.00
N THR A 169 -6.65 22.30 -9.82
CA THR A 169 -6.33 21.42 -10.94
C THR A 169 -7.49 20.43 -11.20
N HIS A 170 -7.71 20.07 -12.47
CA HIS A 170 -8.70 19.08 -12.87
C HIS A 170 -7.99 17.94 -13.57
N VAL A 171 -8.09 16.73 -13.03
CA VAL A 171 -7.49 15.54 -13.57
C VAL A 171 -8.64 14.71 -14.10
N MET A 172 -8.61 14.43 -15.40
CA MET A 172 -9.61 13.58 -16.03
C MET A 172 -9.40 12.14 -15.62
N ILE A 173 -10.52 11.46 -15.34
CA ILE A 173 -10.57 10.06 -14.99
C ILE A 173 -11.40 9.43 -16.05
N ARG A 174 -10.81 8.53 -16.82
CA ARG A 174 -11.55 7.76 -17.81
C ARG A 174 -12.15 6.55 -17.16
N CYS A 175 -13.36 6.22 -17.55
CA CYS A 175 -14.00 4.98 -17.17
C CYS A 175 -14.03 4.18 -18.44
N GLN A 176 -13.36 3.03 -18.46
CA GLN A 176 -13.24 2.21 -19.65
C GLN A 176 -13.47 0.75 -19.23
N GLU A 177 -14.57 0.12 -19.73
CA GLU A 177 -14.95 -1.25 -19.36
C GLU A 177 -15.08 -1.40 -17.83
N LEU A 178 -15.74 -0.45 -17.19
CA LEU A 178 -15.97 -0.41 -15.74
C LEU A 178 -14.69 -0.44 -14.90
N LYS A 179 -13.58 0.06 -15.46
CA LYS A 179 -12.39 0.34 -14.67
C LYS A 179 -12.00 1.81 -14.85
N TYR A 180 -11.28 2.38 -13.90
CA TYR A 180 -11.01 3.82 -13.81
C TYR A 180 -9.53 4.10 -13.85
N ASP A 181 -9.12 5.15 -14.57
CA ASP A 181 -7.71 5.50 -14.68
C ASP A 181 -7.52 7.01 -14.95
N VAL A 182 -6.33 7.51 -14.67
CA VAL A 182 -5.99 8.91 -14.91
C VAL A 182 -5.12 9.08 -16.16
N GLY A 183 -5.29 8.22 -17.16
CA GLY A 183 -4.62 8.35 -18.46
C GLY A 183 -3.49 7.37 -18.70
N GLY A 184 -3.00 6.79 -17.63
CA GLY A 184 -1.97 5.78 -17.70
C GLY A 184 -1.84 5.07 -16.38
N GLY A 185 -1.08 3.99 -16.38
CA GLY A 185 -0.75 3.26 -15.17
C GLY A 185 -1.80 2.23 -14.85
N GLU A 186 -2.22 2.21 -13.58
CA GLU A 186 -3.13 1.21 -13.06
C GLU A 186 -4.56 1.57 -13.45
N ARG A 187 -5.36 0.54 -13.68
CA ARG A 187 -6.78 0.65 -13.93
C ARG A 187 -7.51 0.04 -12.70
N PHE A 188 -8.38 0.80 -12.08
CA PHE A 188 -9.00 0.48 -10.77
C PHE A 188 -10.42 -0.04 -10.89
N ASP A 189 -10.87 -0.92 -9.95
CA ASP A 189 -12.23 -1.45 -10.02
C ASP A 189 -13.31 -0.44 -9.62
N SER A 190 -12.91 0.71 -9.07
CA SER A 190 -13.84 1.70 -8.56
C SER A 190 -13.15 3.07 -8.45
N LEU A 191 -13.91 4.14 -8.40
CA LEU A 191 -13.39 5.45 -8.08
C LEU A 191 -12.76 5.49 -6.70
N THR A 192 -13.34 4.77 -5.73
CA THR A 192 -12.76 4.73 -4.38
C THR A 192 -11.36 4.13 -4.33
N ASP A 193 -11.15 3.02 -5.03
CA ASP A 193 -9.81 2.44 -5.16
C ASP A 193 -8.84 3.41 -5.83
N LEU A 194 -9.30 4.17 -6.86
CA LEU A 194 -8.46 5.17 -7.51
C LEU A 194 -8.14 6.30 -6.52
N VAL A 195 -9.14 6.86 -5.82
CA VAL A 195 -8.93 7.94 -4.87
C VAL A 195 -7.97 7.50 -3.76
N GLU A 196 -8.14 6.26 -3.22
CA GLU A 196 -7.26 5.79 -2.14
C GLU A 196 -5.85 5.62 -2.61
N HIS A 197 -5.67 5.08 -3.82
CA HIS A 197 -4.35 5.01 -4.42
C HIS A 197 -3.66 6.36 -4.49
N TYR A 198 -4.32 7.37 -5.06
CA TYR A 198 -3.68 8.67 -5.25
C TYR A 198 -3.70 9.53 -3.98
N LYS A 199 -4.48 9.17 -2.97
CA LYS A 199 -4.32 9.73 -1.60
C LYS A 199 -2.95 9.32 -1.01
N LYS A 200 -2.58 8.06 -1.20
CA LYS A 200 -1.34 7.49 -0.67
C LYS A 200 -0.15 7.81 -1.56
N ASN A 201 -0.37 7.85 -2.88
CA ASN A 201 0.67 7.99 -3.89
C ASN A 201 0.29 9.17 -4.78
N PRO A 202 0.40 10.40 -4.27
CA PRO A 202 -0.14 11.55 -5.02
C PRO A 202 0.52 11.77 -6.37
N MET A 203 -0.26 12.36 -7.26
CA MET A 203 0.19 12.72 -8.59
C MET A 203 1.09 13.92 -8.46
N VAL A 204 2.19 13.94 -9.22
CA VAL A 204 3.07 15.11 -9.30
C VAL A 204 2.95 15.66 -10.71
N GLU A 205 2.76 16.97 -10.80
CA GLU A 205 2.72 17.65 -12.08
C GLU A 205 4.14 17.68 -12.71
N THR A 206 4.18 17.89 -14.04
CA THR A 206 5.43 18.14 -14.84
C THR A 206 6.45 19.02 -14.05
N LEU A 207 6.01 20.20 -13.65
CA LEU A 207 6.86 21.16 -12.97
C LEU A 207 6.89 21.06 -11.45
N GLY A 208 6.43 19.92 -10.90
CA GLY A 208 6.67 19.59 -9.49
C GLY A 208 5.52 19.69 -8.52
N THR A 209 4.38 20.36 -8.85
CA THR A 209 3.27 20.48 -7.89
C THR A 209 2.72 19.09 -7.48
N VAL A 210 2.65 18.83 -6.17
CA VAL A 210 2.07 17.59 -5.67
C VAL A 210 0.57 17.81 -5.50
N LEU A 211 -0.23 16.96 -6.15
CA LEU A 211 -1.69 17.01 -6.08
C LEU A 211 -2.14 16.15 -4.90
N GLN A 212 -1.90 16.67 -3.70
CA GLN A 212 -2.17 15.97 -2.45
C GLN A 212 -3.67 16.00 -2.20
N LEU A 213 -4.26 14.83 -2.04
CA LEU A 213 -5.65 14.71 -1.69
C LEU A 213 -5.73 14.59 -0.13
N LYS A 214 -5.72 15.74 0.58
CA LYS A 214 -5.68 15.72 2.05
C LYS A 214 -7.06 15.47 2.61
N GLN A 215 -8.09 16.17 2.09
CA GLN A 215 -9.43 16.03 2.63
C GLN A 215 -10.51 16.32 1.59
N PRO A 216 -11.66 15.64 1.63
CA PRO A 216 -12.76 16.04 0.75
C PRO A 216 -13.23 17.45 1.04
N LEU A 217 -13.91 18.03 0.05
CA LEU A 217 -14.50 19.34 0.20
C LEU A 217 -15.66 19.23 1.22
N ASN A 218 -15.67 20.09 2.24
CA ASN A 218 -16.73 20.07 3.24
C ASN A 218 -18.01 20.68 2.64
N THR A 219 -19.12 19.93 2.64
CA THR A 219 -20.43 20.37 2.14
C THR A 219 -21.51 20.41 3.26
N THR A 220 -21.15 20.21 4.53
CA THR A 220 -22.14 20.00 5.60
C THR A 220 -22.13 21.15 6.65
N ARG A 221 -20.98 21.83 6.78
CA ARG A 221 -20.84 23.00 7.63
C ARG A 221 -21.71 24.10 7.11
N ILE A 222 -22.60 24.60 7.97
CA ILE A 222 -23.60 25.60 7.65
C ILE A 222 -23.56 26.66 8.72
N ASN A 223 -23.98 27.87 8.34
CA ASN A 223 -24.18 28.92 9.30
C ASN A 223 -25.52 28.62 9.94
N ALA A 224 -25.62 28.78 11.25
CA ALA A 224 -26.83 28.37 11.96
C ALA A 224 -28.06 29.12 11.46
N ALA A 225 -27.88 30.42 11.10
CA ALA A 225 -28.90 31.25 10.42
C ALA A 225 -29.58 30.54 9.26
N GLU A 226 -28.83 29.75 8.51
CA GLU A 226 -29.29 29.07 7.29
C GLU A 226 -29.69 27.58 7.54
N ILE A 227 -30.06 27.22 8.81
CA ILE A 227 -30.51 25.87 9.18
C ILE A 227 -31.79 25.54 8.43
N GLU A 228 -32.76 26.45 8.38
CA GLU A 228 -34.07 26.16 7.78
C GLU A 228 -33.94 25.76 6.31
N SER A 229 -33.11 26.48 5.53
CA SER A 229 -32.88 26.16 4.11
C SER A 229 -32.22 24.81 3.96
N ARG A 230 -31.23 24.51 4.81
CA ARG A 230 -30.59 23.20 4.77
C ARG A 230 -31.58 22.07 5.11
N VAL A 231 -32.36 22.22 6.17
CA VAL A 231 -33.42 21.25 6.50
C VAL A 231 -34.42 21.08 5.32
N ARG A 232 -34.93 22.17 4.71
CA ARG A 232 -35.84 22.06 3.56
C ARG A 232 -35.21 21.30 2.37
N GLU A 233 -33.96 21.65 2.05
CA GLU A 233 -33.16 20.99 1.04
C GLU A 233 -32.95 19.48 1.32
N LEU A 234 -32.69 19.13 2.59
CA LEU A 234 -32.47 17.74 3.02
C LEU A 234 -33.76 16.93 3.09
N SER A 235 -34.93 17.58 3.19
CA SER A 235 -36.21 16.91 3.19
C SER A 235 -36.68 16.47 1.80
N LYS A 236 -35.89 16.64 0.74
CA LYS A 236 -36.25 16.22 -0.61
C LYS A 236 -35.02 15.74 -1.39
N GLY A 247 -30.96 14.67 0.61
CA GLY A 247 -31.54 13.64 1.45
C GLY A 247 -30.89 13.55 2.83
N PHE A 248 -31.68 13.45 3.90
CA PHE A 248 -31.18 13.12 5.23
C PHE A 248 -30.59 11.69 5.27
N TRP A 249 -31.29 10.74 4.58
CA TRP A 249 -30.88 9.36 4.50
C TRP A 249 -29.51 9.24 3.88
N GLU A 250 -29.27 9.98 2.80
CA GLU A 250 -28.04 9.97 2.03
C GLU A 250 -26.86 10.65 2.78
N GLU A 251 -27.13 11.78 3.46
CA GLU A 251 -26.11 12.41 4.31
C GLU A 251 -25.77 11.49 5.49
N PHE A 252 -26.76 10.84 6.09
CA PHE A 252 -26.49 9.90 7.17
C PHE A 252 -25.62 8.73 6.71
N GLU A 253 -25.99 8.10 5.59
CA GLU A 253 -25.25 6.94 5.15
C GLU A 253 -23.83 7.29 4.75
N THR A 254 -23.53 8.54 4.25
CA THR A 254 -22.13 8.94 4.05
C THR A 254 -21.37 9.00 5.37
N LEU A 255 -21.99 9.48 6.43
CA LEU A 255 -21.40 9.43 7.77
C LEU A 255 -21.15 7.98 8.19
N GLN A 256 -22.15 7.09 8.02
CA GLN A 256 -22.03 5.69 8.35
C GLN A 256 -20.94 4.98 7.60
N GLN A 257 -20.64 5.41 6.37
CA GLN A 257 -19.52 4.84 5.62
C GLN A 257 -18.16 5.07 6.26
N GLN A 258 -18.04 6.07 7.17
CA GLN A 258 -16.78 6.41 7.84
C GLN A 258 -16.51 5.67 9.17
N GLU A 259 -17.39 4.74 9.53
CA GLU A 259 -17.31 4.09 10.84
C GLU A 259 -16.20 3.01 10.88
N CYS A 260 -15.78 2.50 9.68
N CYS A 260 -15.77 2.49 9.69
CA CYS A 260 -14.53 1.76 9.44
CA CYS A 260 -14.58 1.62 9.62
C CYS A 260 -13.31 2.45 10.07
C CYS A 260 -13.28 2.43 10.03
N LYS A 261 -13.34 3.77 10.16
CA LYS A 261 -12.26 4.57 10.77
C LYS A 261 -12.27 4.60 12.32
N LEU A 262 -13.26 3.99 12.95
CA LEU A 262 -13.47 4.16 14.40
C LEU A 262 -13.44 2.84 15.14
N LEU A 263 -12.72 1.84 14.60
CA LEU A 263 -12.59 0.56 15.27
C LEU A 263 -11.45 0.59 16.26
N TYR A 264 -11.58 1.45 17.26
CA TYR A 264 -10.62 1.54 18.34
C TYR A 264 -10.76 0.35 19.30
N SER A 265 -9.67 0.07 20.03
CA SER A 265 -9.64 -1.11 20.87
C SER A 265 -10.61 -0.95 22.05
N ARG A 266 -11.22 -2.07 22.44
CA ARG A 266 -12.14 -2.20 23.56
C ARG A 266 -11.71 -3.43 24.38
N LYS A 267 -10.39 -3.56 24.64
CA LYS A 267 -9.84 -4.73 25.31
C LYS A 267 -10.30 -4.85 26.77
N GLU A 268 -10.33 -3.76 27.54
CA GLU A 268 -10.79 -3.83 28.93
C GLU A 268 -12.20 -4.38 29.06
N GLY A 269 -13.11 -3.85 28.23
CA GLY A 269 -14.48 -4.34 28.22
C GLY A 269 -14.62 -5.79 27.85
N GLN A 270 -13.72 -6.28 27.02
CA GLN A 270 -13.61 -7.68 26.55
C GLN A 270 -13.01 -8.66 27.59
N ARG A 271 -12.46 -8.17 28.74
CA ARG A 271 -11.87 -9.04 29.76
C ARG A 271 -12.89 -9.89 30.45
N GLN A 272 -12.49 -11.13 30.82
CA GLN A 272 -13.39 -12.13 31.42
C GLN A 272 -14.02 -11.60 32.67
N GLU A 273 -13.23 -10.91 33.50
CA GLU A 273 -13.69 -10.33 34.76
C GLU A 273 -14.70 -9.18 34.60
N ASN A 274 -14.77 -8.58 33.39
CA ASN A 274 -15.69 -7.48 33.08
C ASN A 274 -16.91 -7.89 32.24
N LYS A 275 -17.01 -9.16 31.83
CA LYS A 275 -18.13 -9.61 30.96
C LYS A 275 -19.51 -9.37 31.54
N ASN A 276 -19.68 -9.67 32.83
CA ASN A 276 -20.90 -9.48 33.63
C ASN A 276 -21.35 -7.99 33.85
N LYS A 277 -20.47 -7.05 33.54
CA LYS A 277 -20.68 -5.62 33.75
C LYS A 277 -21.16 -4.90 32.47
N ASN A 278 -21.36 -5.63 31.36
CA ASN A 278 -21.79 -5.10 30.07
C ASN A 278 -23.20 -5.57 29.83
N ARG A 279 -24.11 -4.65 29.54
CA ARG A 279 -25.50 -4.99 29.29
C ARG A 279 -25.59 -5.84 28.01
N TYR A 280 -24.77 -5.50 26.99
CA TYR A 280 -24.68 -6.22 25.76
C TYR A 280 -23.21 -6.54 25.60
N LYS A 281 -22.87 -7.84 25.46
CA LYS A 281 -21.47 -8.28 25.47
C LYS A 281 -20.58 -7.62 24.46
N ASN A 282 -21.10 -7.20 23.27
CA ASN A 282 -20.29 -6.57 22.22
C ASN A 282 -20.44 -5.08 22.12
N ILE A 283 -21.22 -4.43 23.02
CA ILE A 283 -21.33 -2.98 23.04
C ILE A 283 -20.46 -2.53 24.18
N LEU A 284 -19.31 -2.03 23.86
CA LEU A 284 -18.23 -1.88 24.82
C LEU A 284 -17.60 -0.53 24.71
N PRO A 285 -17.05 0.00 25.83
CA PRO A 285 -16.39 1.31 25.76
C PRO A 285 -15.00 1.23 25.17
N PHE A 286 -14.62 2.24 24.38
CA PHE A 286 -13.23 2.35 23.93
C PHE A 286 -12.31 2.49 25.09
N ASP A 287 -11.17 1.76 25.03
CA ASP A 287 -10.13 1.86 26.06
C ASP A 287 -9.67 3.28 26.29
N HIS A 288 -9.48 4.04 25.21
CA HIS A 288 -8.84 5.35 25.30
C HIS A 288 -9.70 6.43 25.91
N THR A 289 -11.02 6.25 26.02
CA THR A 289 -11.91 7.19 26.68
C THR A 289 -12.78 6.58 27.80
N ARG A 290 -12.63 5.27 28.16
CA ARG A 290 -13.43 4.71 29.25
C ARG A 290 -13.20 5.42 30.55
N VAL A 291 -14.21 5.39 31.40
CA VAL A 291 -14.08 5.90 32.76
C VAL A 291 -13.38 4.82 33.56
N VAL A 292 -12.22 5.12 34.15
CA VAL A 292 -11.51 4.23 35.04
C VAL A 292 -11.89 4.53 36.44
N LEU A 293 -12.36 3.51 37.18
CA LEU A 293 -12.78 3.67 38.55
C LEU A 293 -11.61 3.33 39.50
N HIS A 294 -11.32 4.25 40.40
CA HIS A 294 -10.24 4.16 41.39
C HIS A 294 -10.79 3.77 42.77
N ASP A 295 -9.90 3.52 43.71
CA ASP A 295 -10.26 3.27 45.11
C ASP A 295 -11.29 2.14 45.28
N GLY A 296 -11.14 1.09 44.50
CA GLY A 296 -12.04 -0.05 44.58
C GLY A 296 -11.69 -0.96 45.73
N ASP A 297 -12.50 -2.00 45.91
CA ASP A 297 -12.27 -2.99 46.95
C ASP A 297 -11.03 -3.81 46.52
N PRO A 298 -9.96 -3.93 47.34
CA PRO A 298 -8.83 -4.79 46.94
C PRO A 298 -9.22 -6.25 46.72
N ASN A 299 -10.23 -6.74 47.46
CA ASN A 299 -10.74 -8.10 47.31
C ASN A 299 -11.47 -8.34 45.97
N GLU A 300 -11.86 -7.28 45.23
CA GLU A 300 -12.51 -7.49 43.93
C GLU A 300 -11.41 -7.48 42.87
N PRO A 301 -11.31 -8.53 42.00
CA PRO A 301 -10.11 -8.68 41.16
C PRO A 301 -9.90 -7.54 40.15
N VAL A 302 -10.98 -7.15 39.46
CA VAL A 302 -11.04 -6.01 38.57
C VAL A 302 -12.15 -5.15 39.12
N SER A 303 -11.79 -4.03 39.66
CA SER A 303 -12.68 -3.09 40.29
C SER A 303 -12.64 -1.73 39.59
N ASP A 304 -11.95 -1.59 38.44
CA ASP A 304 -11.71 -0.34 37.76
C ASP A 304 -12.64 -0.10 36.55
N TYR A 305 -13.55 -1.01 36.25
CA TYR A 305 -14.29 -1.01 34.99
C TYR A 305 -15.75 -0.64 35.17
N ILE A 306 -16.22 0.23 34.26
CA ILE A 306 -17.62 0.48 34.03
C ILE A 306 -17.80 0.67 32.54
N ASN A 307 -18.96 0.19 32.03
CA ASN A 307 -19.27 0.46 30.63
C ASN A 307 -19.72 1.90 30.47
N ALA A 308 -18.73 2.80 30.28
CA ALA A 308 -18.95 4.25 30.29
C ALA A 308 -17.78 4.92 29.57
N ASN A 309 -18.03 6.00 28.79
CA ASN A 309 -16.97 6.80 28.22
C ASN A 309 -17.11 8.31 28.54
N ILE A 310 -15.95 8.96 28.73
CA ILE A 310 -15.89 10.43 28.77
C ILE A 310 -16.08 10.92 27.35
N ILE A 311 -17.07 11.81 27.17
CA ILE A 311 -17.29 12.51 25.89
C ILE A 311 -16.89 13.97 26.06
N MET A 312 -15.84 14.36 25.36
CA MET A 312 -15.29 15.73 25.45
C MET A 312 -15.49 16.35 24.09
N PRO A 313 -16.34 17.37 23.89
CA PRO A 313 -16.40 18.01 22.55
C PRO A 313 -15.03 18.60 22.16
N GLU A 314 -14.61 18.36 20.92
CA GLU A 314 -13.40 18.98 20.28
C GLU A 314 -13.73 19.33 18.81
N LYS A 326 -18.26 22.07 28.68
CA LYS A 326 -19.05 21.05 29.38
C LYS A 326 -18.69 19.72 28.78
N SER A 327 -18.43 18.71 29.61
CA SER A 327 -18.17 17.33 29.14
C SER A 327 -19.26 16.39 29.62
N TYR A 328 -19.27 15.14 29.07
CA TYR A 328 -20.29 14.16 29.38
C TYR A 328 -19.68 12.81 29.74
N ILE A 329 -20.43 12.01 30.47
CA ILE A 329 -20.16 10.58 30.53
C ILE A 329 -21.32 9.89 29.83
N ALA A 330 -21.04 9.18 28.73
CA ALA A 330 -22.03 8.33 28.09
C ALA A 330 -21.92 6.90 28.65
N THR A 331 -22.99 6.40 29.19
CA THR A 331 -23.03 5.08 29.81
C THR A 331 -24.39 4.40 29.55
N GLN A 332 -24.39 3.08 29.88
CA GLN A 332 -25.50 2.19 29.75
C GLN A 332 -26.43 2.32 31.00
N GLY A 333 -27.63 1.78 30.87
CA GLY A 333 -28.47 1.54 32.02
C GLY A 333 -27.80 0.56 32.98
N CYS A 334 -27.77 0.83 34.31
CA CYS A 334 -27.19 -0.14 35.27
C CYS A 334 -27.76 -1.53 35.15
N LEU A 335 -26.92 -2.49 35.42
CA LEU A 335 -27.31 -3.84 35.79
C LEU A 335 -27.36 -3.89 37.32
N GLN A 336 -28.03 -4.91 37.87
CA GLN A 336 -28.14 -5.08 39.32
C GLN A 336 -26.74 -5.05 39.98
N ASN A 337 -25.78 -5.68 39.32
CA ASN A 337 -24.38 -5.77 39.78
C ASN A 337 -23.48 -4.63 39.39
N THR A 338 -23.98 -3.61 38.67
CA THR A 338 -23.18 -2.42 38.40
C THR A 338 -23.74 -1.18 39.03
N VAL A 339 -24.81 -1.26 39.87
CA VAL A 339 -25.34 -0.07 40.50
C VAL A 339 -24.30 0.63 41.41
N ASN A 340 -23.61 -0.14 42.23
CA ASN A 340 -22.57 0.41 43.12
C ASN A 340 -21.47 1.08 42.33
N ASP A 341 -21.03 0.47 41.22
CA ASP A 341 -20.03 1.07 40.32
C ASP A 341 -20.49 2.38 39.69
N PHE A 342 -21.79 2.48 39.31
CA PHE A 342 -22.38 3.69 38.76
C PHE A 342 -22.23 4.84 39.80
N TRP A 343 -22.57 4.57 41.07
CA TRP A 343 -22.47 5.58 42.10
C TRP A 343 -21.02 5.93 42.44
N ARG A 344 -20.11 4.92 42.45
CA ARG A 344 -18.66 5.18 42.51
C ARG A 344 -18.22 6.15 41.43
N MET A 345 -18.75 5.95 40.20
CA MET A 345 -18.40 6.79 39.08
C MET A 345 -18.87 8.19 39.29
N VAL A 346 -20.16 8.39 39.64
CA VAL A 346 -20.74 9.74 39.89
C VAL A 346 -19.93 10.47 40.95
N PHE A 347 -19.69 9.82 42.08
CA PHE A 347 -18.90 10.44 43.15
C PHE A 347 -17.49 10.83 42.65
N GLN A 348 -16.73 9.87 42.13
CA GLN A 348 -15.38 10.12 41.65
C GLN A 348 -15.24 11.24 40.61
N GLU A 349 -16.13 11.29 39.64
CA GLU A 349 -16.08 12.28 38.57
C GLU A 349 -16.68 13.62 38.98
N ASN A 350 -17.24 13.70 40.23
CA ASN A 350 -17.89 14.86 40.74
C ASN A 350 -19.09 15.27 39.85
N SER A 351 -19.76 14.33 39.19
CA SER A 351 -20.96 14.62 38.40
C SER A 351 -22.07 15.07 39.32
N ARG A 352 -22.77 16.13 38.86
CA ARG A 352 -23.88 16.72 39.60
C ARG A 352 -25.23 16.68 38.91
N VAL A 353 -25.29 16.22 37.69
CA VAL A 353 -26.45 16.11 36.88
C VAL A 353 -26.39 14.75 36.14
N ILE A 354 -27.51 14.02 36.20
CA ILE A 354 -27.71 12.79 35.48
C ILE A 354 -28.92 12.99 34.57
N VAL A 355 -28.78 12.56 33.36
CA VAL A 355 -29.83 12.50 32.36
C VAL A 355 -30.10 11.04 32.04
N MET A 356 -31.32 10.59 32.29
CA MET A 356 -31.80 9.27 31.93
C MET A 356 -32.80 9.36 30.76
N THR A 357 -32.58 8.62 29.66
CA THR A 357 -33.41 8.80 28.47
C THR A 357 -34.29 7.59 28.13
N THR A 358 -34.48 6.67 29.09
CA THR A 358 -35.37 5.50 28.91
C THR A 358 -36.31 5.50 30.17
N LYS A 359 -37.48 4.89 30.06
CA LYS A 359 -38.17 4.42 31.26
C LYS A 359 -37.37 3.19 31.80
N GLU A 360 -37.63 2.77 33.04
CA GLU A 360 -36.95 1.60 33.64
C GLU A 360 -37.28 0.38 32.83
N VAL A 361 -38.58 0.29 32.32
CA VAL A 361 -39.06 -0.83 31.54
C VAL A 361 -39.69 -0.29 30.27
N GLU A 362 -39.30 -0.84 29.08
CA GLU A 362 -40.01 -0.57 27.83
C GLU A 362 -40.25 -1.88 27.08
N ARG A 363 -41.43 -2.03 26.50
CA ARG A 363 -41.88 -3.22 25.77
C ARG A 363 -41.69 -4.49 26.63
N GLY A 364 -41.92 -4.40 27.92
CA GLY A 364 -41.75 -5.52 28.83
C GLY A 364 -40.32 -5.87 29.19
N LYS A 365 -39.31 -5.09 28.74
CA LYS A 365 -37.93 -5.42 29.03
C LYS A 365 -37.27 -4.33 29.92
N SER A 366 -36.42 -4.72 30.88
CA SER A 366 -35.65 -3.79 31.68
C SER A 366 -34.68 -3.06 30.71
N LYS A 367 -34.74 -1.77 30.72
CA LYS A 367 -33.85 -0.86 29.99
C LYS A 367 -32.88 -0.17 30.94
N CYS A 368 -33.31 0.09 32.19
CA CYS A 368 -32.35 0.54 33.23
C CYS A 368 -32.89 0.20 34.58
N VAL A 369 -32.09 -0.46 35.45
CA VAL A 369 -32.60 -0.84 36.77
C VAL A 369 -32.75 0.44 37.60
N LYS A 370 -33.56 0.38 38.65
CA LYS A 370 -33.77 1.51 39.50
C LYS A 370 -32.56 1.57 40.40
N TYR A 371 -31.76 2.61 40.26
CA TYR A 371 -30.55 2.79 41.04
C TYR A 371 -30.65 3.97 42.00
N TRP A 372 -31.87 4.52 42.21
CA TRP A 372 -32.09 5.62 43.10
C TRP A 372 -33.17 5.19 44.09
N PRO A 373 -33.16 5.74 45.31
CA PRO A 373 -34.23 5.43 46.25
C PRO A 373 -35.56 6.05 45.89
N ASP A 374 -36.63 5.47 46.43
CA ASP A 374 -37.96 6.11 46.44
C ASP A 374 -37.95 7.46 47.08
N GLU A 375 -38.87 8.34 46.71
CA GLU A 375 -38.93 9.69 47.29
C GLU A 375 -38.96 9.67 48.83
N TYR A 376 -38.19 10.61 49.43
CA TYR A 376 -37.93 10.72 50.85
C TYR A 376 -37.11 9.52 51.45
N ALA A 377 -36.83 8.44 50.72
CA ALA A 377 -36.05 7.30 51.22
C ALA A 377 -34.52 7.53 51.08
N LEU A 378 -33.74 6.73 51.82
CA LEU A 378 -32.29 6.73 51.89
C LEU A 378 -31.88 5.29 51.65
N LYS A 379 -30.91 5.09 50.75
CA LYS A 379 -30.35 3.79 50.50
C LYS A 379 -28.80 3.83 50.45
N GLU A 380 -28.15 2.75 50.90
CA GLU A 380 -26.73 2.54 50.71
C GLU A 380 -26.47 1.63 49.52
N TYR A 381 -25.61 2.08 48.59
CA TYR A 381 -25.13 1.35 47.43
C TYR A 381 -23.66 1.16 47.64
N GLY A 382 -23.29 0.09 48.33
CA GLY A 382 -21.89 -0.19 48.64
C GLY A 382 -21.42 0.85 49.63
N VAL A 383 -20.31 1.56 49.34
CA VAL A 383 -19.80 2.63 50.19
C VAL A 383 -20.53 3.96 50.00
N MET A 384 -21.49 4.05 49.07
CA MET A 384 -22.15 5.31 48.76
C MET A 384 -23.53 5.32 49.41
N ARG A 385 -24.00 6.47 49.82
CA ARG A 385 -25.31 6.66 50.41
C ARG A 385 -26.01 7.66 49.51
N VAL A 386 -27.26 7.37 49.13
CA VAL A 386 -28.07 8.29 48.33
C VAL A 386 -29.38 8.54 49.05
N ARG A 387 -29.70 9.81 49.33
CA ARG A 387 -31.03 10.25 49.76
C ARG A 387 -31.81 10.83 48.55
N ASN A 388 -33.06 10.41 48.31
CA ASN A 388 -33.94 11.09 47.38
C ASN A 388 -34.71 12.16 48.14
N VAL A 389 -34.31 13.42 48.01
CA VAL A 389 -34.87 14.53 48.78
C VAL A 389 -36.28 14.90 48.29
N LYS A 390 -36.48 14.92 47.01
CA LYS A 390 -37.72 15.44 46.42
C LYS A 390 -37.78 15.10 44.95
N GLU A 391 -38.93 14.63 44.50
CA GLU A 391 -39.22 14.46 43.10
C GLU A 391 -40.21 15.51 42.64
N SER A 392 -40.03 16.04 41.42
CA SER A 392 -40.89 17.03 40.77
C SER A 392 -41.20 16.51 39.40
N ALA A 393 -42.46 16.41 39.07
CA ALA A 393 -42.90 15.90 37.79
C ALA A 393 -43.18 17.09 36.84
N ALA A 394 -42.57 17.10 35.64
CA ALA A 394 -42.88 18.02 34.53
C ALA A 394 -43.64 17.14 33.47
N HIS A 395 -44.15 17.72 32.35
CA HIS A 395 -44.82 16.93 31.35
C HIS A 395 -43.93 15.77 30.81
N ASP A 396 -42.72 16.08 30.39
CA ASP A 396 -41.87 15.12 29.71
C ASP A 396 -40.87 14.36 30.63
N TYR A 397 -40.73 14.80 31.87
CA TYR A 397 -39.70 14.29 32.75
C TYR A 397 -40.02 14.43 34.19
N THR A 398 -39.28 13.68 35.02
CA THR A 398 -39.25 13.81 36.46
C THR A 398 -37.87 14.23 36.87
N LEU A 399 -37.79 15.18 37.77
CA LEU A 399 -36.56 15.61 38.40
C LEU A 399 -36.52 15.01 39.79
N ARG A 400 -35.44 14.33 40.11
CA ARG A 400 -35.19 13.81 41.43
C ARG A 400 -33.98 14.53 41.97
N GLU A 401 -34.14 15.14 43.12
CA GLU A 401 -33.04 15.81 43.80
C GLU A 401 -32.44 14.78 44.76
N LEU A 402 -31.24 14.30 44.45
CA LEU A 402 -30.62 13.21 45.18
C LEU A 402 -29.42 13.81 45.96
N LYS A 403 -29.11 13.24 47.12
CA LYS A 403 -27.93 13.65 47.87
C LYS A 403 -27.01 12.44 48.03
N LEU A 404 -25.80 12.55 47.50
CA LEU A 404 -24.84 11.47 47.39
C LEU A 404 -23.68 11.78 48.33
N SER A 405 -23.29 10.79 49.13
CA SER A 405 -22.18 10.92 50.05
C SER A 405 -21.53 9.55 50.24
N LYS A 406 -20.33 9.52 50.71
CA LYS A 406 -19.63 8.30 51.06
C LYS A 406 -20.03 7.99 52.50
N VAL A 407 -20.44 6.76 52.75
CA VAL A 407 -20.69 6.30 54.11
C VAL A 407 -19.42 6.53 54.99
N GLY A 408 -19.67 7.02 56.20
CA GLY A 408 -18.63 7.30 57.18
C GLY A 408 -18.01 8.66 57.04
N GLN A 409 -18.41 9.48 56.03
CA GLN A 409 -17.76 10.76 55.74
C GLN A 409 -18.81 11.80 55.34
N GLY A 410 -19.42 12.44 56.35
CA GLY A 410 -20.61 13.27 56.17
C GLY A 410 -20.41 14.45 55.24
N ASN A 411 -19.28 15.16 55.47
CA ASN A 411 -18.87 16.29 54.65
C ASN A 411 -18.61 15.99 53.15
N THR A 412 -18.74 14.73 52.70
CA THR A 412 -18.67 14.44 51.28
C THR A 412 -19.99 14.65 50.57
N GLU A 413 -21.06 15.10 51.25
CA GLU A 413 -22.35 15.19 50.61
C GLU A 413 -22.39 16.23 49.49
N ARG A 414 -22.99 15.84 48.32
CA ARG A 414 -23.26 16.75 47.23
C ARG A 414 -24.60 16.39 46.62
N THR A 415 -25.25 17.40 46.02
CA THR A 415 -26.54 17.18 45.38
C THR A 415 -26.28 16.75 43.97
N VAL A 416 -27.04 15.73 43.55
CA VAL A 416 -27.02 15.22 42.20
C VAL A 416 -28.44 15.29 41.69
N TRP A 417 -28.63 15.98 40.58
CA TRP A 417 -29.93 16.26 40.02
C TRP A 417 -30.13 15.33 38.89
N GLN A 418 -31.13 14.44 39.04
CA GLN A 418 -31.43 13.43 38.02
C GLN A 418 -32.65 13.83 37.24
N TYR A 419 -32.47 14.00 35.96
CA TYR A 419 -33.47 14.44 35.02
C TYR A 419 -33.84 13.20 34.22
N HIS A 420 -34.99 12.66 34.47
CA HIS A 420 -35.45 11.41 33.89
C HIS A 420 -36.49 11.71 32.86
N PHE A 421 -36.09 11.67 31.58
CA PHE A 421 -36.96 11.88 30.46
C PHE A 421 -37.84 10.61 30.30
N ARG A 422 -39.14 10.81 30.26
CA ARG A 422 -40.10 9.73 30.41
C ARG A 422 -40.98 9.54 29.15
N THR A 423 -41.02 10.52 28.21
CA THR A 423 -41.93 10.46 27.09
C THR A 423 -41.29 10.05 25.77
N TRP A 424 -39.98 9.66 25.71
CA TRP A 424 -39.41 9.25 24.43
C TRP A 424 -40.17 8.00 23.93
N PRO A 425 -40.59 7.94 22.66
CA PRO A 425 -41.35 6.76 22.20
C PRO A 425 -40.56 5.45 22.19
N ASP A 426 -41.19 4.29 22.33
CA ASP A 426 -40.50 2.99 22.37
C ASP A 426 -39.63 2.70 21.10
N HIS A 427 -40.10 3.08 19.91
CA HIS A 427 -39.33 3.02 18.64
C HIS A 427 -39.38 4.41 17.92
N GLY A 428 -38.32 4.76 17.21
CA GLY A 428 -38.24 6.06 16.56
C GLY A 428 -37.94 7.20 17.51
N VAL A 429 -38.43 8.41 17.17
CA VAL A 429 -38.03 9.64 17.84
C VAL A 429 -39.29 10.47 18.15
N PRO A 430 -39.24 11.44 19.09
CA PRO A 430 -40.38 12.36 19.24
C PRO A 430 -40.71 13.08 17.95
N SER A 431 -42.00 13.28 17.72
CA SER A 431 -42.48 13.99 16.54
C SER A 431 -42.20 15.50 16.62
N ASP A 432 -42.05 16.04 17.82
CA ASP A 432 -41.67 17.42 18.01
C ASP A 432 -40.46 17.51 18.95
N PRO A 433 -39.41 18.27 18.61
CA PRO A 433 -38.27 18.43 19.53
C PRO A 433 -38.43 19.39 20.71
N GLY A 434 -39.56 20.08 20.88
CA GLY A 434 -39.74 21.04 21.96
C GLY A 434 -39.53 20.46 23.35
N GLY A 435 -40.06 19.27 23.57
CA GLY A 435 -39.88 18.57 24.84
C GLY A 435 -38.45 18.29 25.23
N VAL A 436 -37.67 17.71 24.29
CA VAL A 436 -36.26 17.41 24.45
C VAL A 436 -35.50 18.75 24.68
N LEU A 437 -35.77 19.78 23.88
CA LEU A 437 -35.08 21.06 23.99
C LEU A 437 -35.31 21.78 25.32
N ASP A 438 -36.56 21.82 25.81
CA ASP A 438 -36.88 22.42 27.09
C ASP A 438 -36.19 21.65 28.23
N PHE A 439 -36.18 20.31 28.12
CA PHE A 439 -35.48 19.45 29.07
C PHE A 439 -33.99 19.77 29.08
N LEU A 440 -33.32 19.79 27.90
CA LEU A 440 -31.91 20.08 27.82
C LEU A 440 -31.56 21.49 28.29
N GLU A 441 -32.45 22.48 28.03
CA GLU A 441 -32.22 23.85 28.52
C GLU A 441 -32.15 23.88 30.04
N GLU A 442 -33.06 23.15 30.69
CA GLU A 442 -33.14 23.03 32.13
C GLU A 442 -31.92 22.29 32.72
N VAL A 443 -31.55 21.18 32.08
CA VAL A 443 -30.31 20.46 32.40
C VAL A 443 -29.06 21.37 32.29
N HIS A 444 -28.97 22.15 31.22
CA HIS A 444 -27.85 23.08 31.01
C HIS A 444 -27.76 24.10 32.13
N HIS A 445 -28.89 24.74 32.47
CA HIS A 445 -28.86 25.77 33.50
C HIS A 445 -28.56 25.19 34.86
N LYS A 446 -29.05 23.98 35.16
CA LYS A 446 -28.67 23.30 36.37
C LYS A 446 -27.18 23.07 36.47
N GLN A 447 -26.59 22.48 35.44
CA GLN A 447 -25.16 22.23 35.38
C GLN A 447 -24.36 23.54 35.54
N GLU A 448 -24.71 24.58 34.76
CA GLU A 448 -24.03 25.86 34.86
C GLU A 448 -24.17 26.56 36.18
N SER A 449 -25.23 26.29 36.96
CA SER A 449 -25.43 26.86 38.28
C SER A 449 -24.49 26.31 39.36
N ILE A 450 -23.74 25.22 39.08
CA ILE A 450 -23.03 24.48 40.12
C ILE A 450 -21.56 24.61 39.82
N MET A 451 -20.84 25.32 40.66
CA MET A 451 -19.42 25.59 40.42
C MET A 451 -18.58 24.28 40.43
N ASP A 452 -17.73 24.14 39.45
CA ASP A 452 -16.81 22.99 39.31
C ASP A 452 -17.54 21.60 39.17
N ALA A 453 -18.88 21.55 38.90
CA ALA A 453 -19.57 20.29 38.54
C ALA A 453 -18.75 19.51 37.51
N GLY A 454 -18.67 18.21 37.69
CA GLY A 454 -18.01 17.34 36.75
C GLY A 454 -18.90 17.06 35.56
N PRO A 455 -18.54 16.07 34.76
CA PRO A 455 -19.32 15.79 33.55
C PRO A 455 -20.74 15.41 33.79
N VAL A 456 -21.59 15.70 32.83
CA VAL A 456 -23.00 15.38 32.93
C VAL A 456 -23.12 13.92 32.50
N VAL A 457 -23.75 13.09 33.35
CA VAL A 457 -23.91 11.68 33.03
C VAL A 457 -25.17 11.55 32.19
N VAL A 458 -25.07 10.83 31.10
CA VAL A 458 -26.20 10.63 30.16
C VAL A 458 -26.23 9.17 29.90
N HIS A 459 -27.41 8.56 30.09
CA HIS A 459 -27.58 7.13 29.92
C HIS A 459 -29.02 6.77 29.49
N CYS A 460 -29.11 5.83 28.62
CA CYS A 460 -30.35 5.21 28.11
C CYS A 460 -30.20 3.68 28.52
N SER A 461 -30.32 2.76 27.60
CA SER A 461 -30.22 1.29 27.68
C SER A 461 -28.75 0.82 27.31
N ALA A 462 -28.33 0.80 26.04
CA ALA A 462 -26.94 0.56 25.69
C ALA A 462 -26.04 1.81 25.84
N GLY A 463 -26.64 2.99 25.93
CA GLY A 463 -25.85 4.24 26.07
C GLY A 463 -25.18 4.74 24.80
N ILE A 464 -25.82 4.50 23.63
CA ILE A 464 -25.23 4.95 22.38
C ILE A 464 -26.24 5.63 21.45
N GLY A 465 -27.50 5.20 21.40
CA GLY A 465 -28.48 5.74 20.47
C GLY A 465 -29.18 6.99 20.96
N ARG A 466 -30.13 6.89 21.92
CA ARG A 466 -30.76 8.07 22.51
C ARG A 466 -29.70 8.88 23.24
N THR A 467 -28.77 8.23 23.97
CA THR A 467 -27.70 8.94 24.66
C THR A 467 -26.86 9.81 23.69
N GLY A 468 -26.49 9.25 22.55
CA GLY A 468 -25.70 9.98 21.56
C GLY A 468 -26.49 11.12 20.98
N THR A 469 -27.78 10.90 20.71
CA THR A 469 -28.65 11.95 20.18
C THR A 469 -28.78 13.12 21.14
N PHE A 470 -29.08 12.85 22.39
CA PHE A 470 -29.16 13.91 23.42
C PHE A 470 -27.84 14.67 23.58
N ILE A 471 -26.71 13.96 23.66
CA ILE A 471 -25.41 14.62 23.81
C ILE A 471 -25.11 15.51 22.54
N VAL A 472 -25.36 15.02 21.32
CA VAL A 472 -25.03 15.78 20.10
C VAL A 472 -25.93 17.03 20.02
N ILE A 473 -27.24 16.91 20.29
CA ILE A 473 -28.11 18.06 20.37
C ILE A 473 -27.58 19.05 21.42
N ASP A 474 -27.19 18.56 22.59
CA ASP A 474 -26.68 19.42 23.61
C ASP A 474 -25.42 20.18 23.17
N ILE A 475 -24.51 19.49 22.52
CA ILE A 475 -23.30 20.09 21.99
C ILE A 475 -23.62 21.19 20.97
N LEU A 476 -24.45 20.87 19.98
CA LEU A 476 -24.81 21.84 18.95
C LEU A 476 -25.53 23.06 19.50
N ILE A 477 -26.53 22.85 20.38
CA ILE A 477 -27.26 23.94 21.02
C ILE A 477 -26.34 24.83 21.88
N ASP A 478 -25.41 24.25 22.59
CA ASP A 478 -24.42 24.98 23.36
C ASP A 478 -23.65 26.06 22.52
N ILE A 479 -23.27 25.70 21.29
CA ILE A 479 -22.59 26.62 20.36
C ILE A 479 -23.49 27.82 20.07
N ILE A 480 -24.75 27.57 19.76
CA ILE A 480 -25.69 28.60 19.38
C ILE A 480 -26.09 29.46 20.57
N ARG A 481 -26.33 28.83 21.74
CA ARG A 481 -26.49 29.50 23.02
C ARG A 481 -25.38 30.57 23.27
N GLU A 482 -24.10 30.23 23.06
CA GLU A 482 -23.01 31.15 23.36
C GLU A 482 -22.71 32.12 22.19
N LYS A 483 -22.59 31.60 20.96
CA LYS A 483 -22.22 32.39 19.77
C LYS A 483 -23.39 32.94 18.95
N GLY A 484 -24.60 32.69 19.39
CA GLY A 484 -25.80 33.17 18.69
C GLY A 484 -26.04 32.45 17.38
N VAL A 485 -26.98 32.98 16.59
CA VAL A 485 -27.39 32.35 15.35
C VAL A 485 -26.32 32.45 14.24
N ASP A 486 -25.30 33.34 14.36
CA ASP A 486 -24.31 33.52 13.31
C ASP A 486 -23.02 32.87 13.74
N CYS A 487 -23.04 31.54 13.73
CA CYS A 487 -21.95 30.62 14.09
C CYS A 487 -22.04 29.42 13.16
N ASP A 488 -20.92 28.73 12.93
CA ASP A 488 -20.93 27.58 12.03
C ASP A 488 -21.18 26.31 12.84
N ILE A 489 -22.12 25.49 12.36
CA ILE A 489 -22.28 24.14 12.84
C ILE A 489 -22.13 23.13 11.70
N ASP A 490 -21.81 21.91 12.08
CA ASP A 490 -21.59 20.80 11.19
C ASP A 490 -21.99 19.47 11.90
N VAL A 491 -23.24 19.09 11.70
CA VAL A 491 -23.90 17.98 12.37
C VAL A 491 -23.10 16.66 12.20
N PRO A 492 -22.85 16.15 10.97
CA PRO A 492 -22.09 14.89 10.85
C PRO A 492 -20.68 14.94 11.39
N LYS A 493 -20.01 16.10 11.30
CA LYS A 493 -18.64 16.22 11.79
C LYS A 493 -18.63 16.10 13.32
N THR A 494 -19.61 16.69 13.98
CA THR A 494 -19.76 16.63 15.44
C THR A 494 -20.05 15.21 15.85
N ILE A 495 -20.95 14.52 15.12
CA ILE A 495 -21.29 13.15 15.42
C ILE A 495 -20.07 12.25 15.30
N GLN A 496 -19.29 12.35 14.18
CA GLN A 496 -18.05 11.59 14.01
C GLN A 496 -17.06 11.78 15.15
N MET A 497 -16.94 12.99 15.64
CA MET A 497 -16.07 13.32 16.76
C MET A 497 -16.57 12.64 18.09
N VAL A 498 -17.88 12.55 18.24
CA VAL A 498 -18.45 11.89 19.45
C VAL A 498 -18.32 10.37 19.29
N ARG A 499 -18.58 9.85 18.07
CA ARG A 499 -18.34 8.46 17.74
C ARG A 499 -16.88 7.97 17.87
N SER A 500 -15.88 8.85 17.83
CA SER A 500 -14.52 8.44 18.14
C SER A 500 -14.28 8.27 19.64
N GLN A 501 -15.28 8.64 20.50
CA GLN A 501 -15.15 8.51 21.94
C GLN A 501 -16.08 7.45 22.56
N ARG A 502 -17.14 7.03 21.88
CA ARG A 502 -17.91 5.84 22.25
C ARG A 502 -18.57 5.28 20.99
N SER A 503 -18.62 3.94 20.86
CA SER A 503 -19.07 3.31 19.64
C SER A 503 -20.48 3.64 19.25
N GLY A 504 -20.69 4.01 18.00
CA GLY A 504 -22.04 4.09 17.45
C GLY A 504 -22.91 5.18 18.03
N MET A 505 -22.34 6.25 18.59
CA MET A 505 -23.14 7.36 19.11
C MET A 505 -23.99 7.97 17.99
N VAL A 506 -25.33 7.98 18.18
CA VAL A 506 -26.37 8.22 17.19
C VAL A 506 -26.52 6.97 16.31
N GLN A 507 -27.62 6.28 16.44
CA GLN A 507 -27.81 4.94 15.87
C GLN A 507 -28.51 4.98 14.51
N THR A 508 -29.49 5.87 14.34
CA THR A 508 -30.44 5.79 13.19
C THR A 508 -30.59 7.12 12.44
N GLU A 509 -31.03 7.02 11.20
CA GLU A 509 -31.50 8.12 10.34
C GLU A 509 -32.53 8.97 11.04
N ALA A 510 -33.48 8.35 11.70
CA ALA A 510 -34.51 9.07 12.42
C ALA A 510 -33.92 10.01 13.50
N GLN A 511 -32.94 9.54 14.25
CA GLN A 511 -32.25 10.36 15.26
C GLN A 511 -31.46 11.45 14.57
N TYR A 512 -30.75 11.11 13.50
CA TYR A 512 -30.03 12.08 12.67
C TYR A 512 -30.88 13.27 12.25
N ARG A 513 -32.04 12.98 11.68
CA ARG A 513 -33.00 13.98 11.23
C ARG A 513 -33.51 14.76 12.42
N PHE A 514 -33.81 14.05 13.56
CA PHE A 514 -34.31 14.69 14.75
C PHE A 514 -33.29 15.69 15.30
N ILE A 515 -31.99 15.43 15.18
CA ILE A 515 -30.94 16.35 15.64
C ILE A 515 -31.06 17.66 14.83
N TYR A 516 -31.17 17.56 13.49
CA TYR A 516 -31.39 18.73 12.65
C TYR A 516 -32.64 19.49 13.02
N MET A 517 -33.75 18.77 13.17
CA MET A 517 -35.04 19.34 13.58
C MET A 517 -34.97 20.04 14.91
N ALA A 518 -34.16 19.49 15.86
CA ALA A 518 -34.06 20.10 17.16
C ALA A 518 -33.24 21.41 17.08
N VAL A 519 -32.16 21.38 16.32
CA VAL A 519 -31.34 22.55 16.10
C VAL A 519 -32.17 23.65 15.38
N GLN A 520 -32.95 23.29 14.38
CA GLN A 520 -33.87 24.21 13.68
C GLN A 520 -34.86 24.87 14.64
N HIS A 521 -35.53 24.06 15.47
CA HIS A 521 -36.52 24.53 16.44
C HIS A 521 -35.85 25.45 17.47
N TYR A 522 -34.65 25.11 17.91
CA TYR A 522 -33.91 25.98 18.82
C TYR A 522 -33.59 27.37 18.19
N ILE A 523 -33.16 27.38 16.96
CA ILE A 523 -32.86 28.60 16.21
C ILE A 523 -34.16 29.44 16.08
N GLU A 524 -35.28 28.86 15.62
CA GLU A 524 -36.58 29.57 15.57
C GLU A 524 -37.04 30.19 16.91
N THR A 525 -37.00 29.45 18.06
CA THR A 525 -37.34 30.06 19.34
C THR A 525 -36.40 31.21 19.70
N LEU A 526 -35.11 31.09 19.36
CA LEU A 526 -34.16 32.19 19.57
C LEU A 526 -34.43 33.43 18.71
N GLN A 527 -34.86 33.23 17.45
CA GLN A 527 -35.28 34.30 16.54
C GLN A 527 -36.59 34.97 16.97
N ARG A 528 -37.53 34.19 17.55
CA ARG A 528 -38.77 34.75 18.07
C ARG A 528 -38.52 35.71 19.22
N ARG A 529 -37.47 35.47 20.04
CA ARG A 529 -37.10 36.41 21.10
C ARG A 529 -36.46 37.67 20.51
N SER B 4 7.58 -2.53 -10.14
CA SER B 4 6.97 -3.81 -10.57
C SER B 4 7.20 -4.14 -12.08
N ARG B 5 7.24 -5.45 -12.44
CA ARG B 5 7.43 -5.91 -13.86
C ARG B 5 6.36 -6.88 -14.32
N ARG B 6 5.16 -6.64 -13.83
CA ARG B 6 4.04 -7.56 -14.01
C ARG B 6 3.59 -7.66 -15.46
N TRP B 7 3.95 -6.64 -16.25
CA TRP B 7 3.64 -6.59 -17.69
C TRP B 7 4.42 -7.57 -18.54
N PHE B 8 5.39 -8.31 -17.95
CA PHE B 8 6.11 -9.35 -18.65
C PHE B 8 5.43 -10.68 -18.42
N HIS B 9 5.02 -11.32 -19.52
CA HIS B 9 4.31 -12.61 -19.49
C HIS B 9 5.21 -13.72 -20.04
N PRO B 10 5.90 -14.52 -19.18
CA PRO B 10 6.91 -15.45 -19.70
C PRO B 10 6.43 -16.61 -20.55
N ASN B 11 5.18 -17.08 -20.37
CA ASN B 11 4.73 -18.35 -20.98
C ASN B 11 3.42 -18.17 -21.70
N ILE B 12 3.39 -17.20 -22.60
CA ILE B 12 2.19 -16.86 -23.35
C ILE B 12 2.55 -16.98 -24.85
N THR B 13 1.60 -17.45 -25.67
CA THR B 13 1.72 -17.41 -27.13
C THR B 13 1.28 -16.00 -27.65
N GLY B 14 1.51 -15.72 -28.91
CA GLY B 14 1.01 -14.50 -29.53
C GLY B 14 -0.50 -14.38 -29.47
N VAL B 15 -1.22 -15.40 -29.94
CA VAL B 15 -2.68 -15.32 -29.95
C VAL B 15 -3.24 -15.22 -28.51
N GLU B 16 -2.64 -15.92 -27.52
CA GLU B 16 -3.01 -15.69 -26.12
C GLU B 16 -2.78 -14.23 -25.69
N ALA B 17 -1.67 -13.61 -26.10
CA ALA B 17 -1.43 -12.18 -25.87
C ALA B 17 -2.52 -11.32 -26.51
N GLU B 18 -2.92 -11.64 -27.74
CA GLU B 18 -4.01 -10.91 -28.41
C GLU B 18 -5.31 -11.01 -27.66
N ASN B 19 -5.68 -12.22 -27.25
CA ASN B 19 -6.95 -12.42 -26.55
C ASN B 19 -6.96 -11.76 -25.20
N LEU B 20 -5.80 -11.75 -24.50
CA LEU B 20 -5.67 -11.04 -23.24
C LEU B 20 -5.92 -9.55 -23.41
N LEU B 21 -5.26 -8.93 -24.40
CA LEU B 21 -5.41 -7.49 -24.61
C LEU B 21 -6.80 -7.13 -25.10
N LEU B 22 -7.45 -8.03 -25.88
CA LEU B 22 -8.78 -7.74 -26.41
C LEU B 22 -9.89 -7.93 -25.38
N THR B 23 -9.74 -8.87 -24.44
CA THR B 23 -10.77 -9.15 -23.43
C THR B 23 -10.52 -8.44 -22.09
N ARG B 24 -9.26 -8.32 -21.65
CA ARG B 24 -8.94 -7.71 -20.35
C ARG B 24 -8.28 -6.32 -20.43
N GLY B 25 -7.96 -5.88 -21.63
CA GLY B 25 -7.36 -4.57 -21.84
C GLY B 25 -8.22 -3.60 -22.58
N VAL B 26 -7.68 -2.41 -22.77
CA VAL B 26 -8.26 -1.31 -23.55
C VAL B 26 -7.18 -0.74 -24.47
N ASP B 27 -7.52 0.25 -25.33
CA ASP B 27 -6.53 0.91 -26.17
C ASP B 27 -5.50 1.59 -25.29
N GLY B 28 -4.24 1.31 -25.59
CA GLY B 28 -3.14 1.72 -24.73
C GLY B 28 -2.62 0.63 -23.82
N SER B 29 -3.35 -0.49 -23.68
CA SER B 29 -2.84 -1.64 -22.93
C SER B 29 -1.69 -2.29 -23.67
N PHE B 30 -0.75 -2.85 -22.89
CA PHE B 30 0.41 -3.53 -23.45
C PHE B 30 0.97 -4.59 -22.49
N LEU B 31 1.71 -5.53 -23.09
CA LEU B 31 2.50 -6.50 -22.36
C LEU B 31 3.75 -6.82 -23.20
N ALA B 32 4.77 -7.34 -22.55
CA ALA B 32 5.97 -7.88 -23.22
C ALA B 32 6.05 -9.39 -22.95
N ARG B 33 6.66 -10.14 -23.89
CA ARG B 33 6.75 -11.61 -23.85
C ARG B 33 7.95 -12.11 -24.61
N PRO B 34 8.45 -13.31 -24.24
CA PRO B 34 9.50 -13.92 -25.06
C PRO B 34 8.95 -14.30 -26.41
N SER B 35 9.73 -14.07 -27.46
CA SER B 35 9.31 -14.45 -28.78
C SER B 35 9.43 -15.98 -28.99
N LYS B 36 8.33 -16.54 -29.50
CA LYS B 36 8.24 -17.96 -29.81
C LYS B 36 8.78 -18.21 -31.22
N SER B 37 8.45 -17.34 -32.19
CA SER B 37 9.15 -17.33 -33.48
C SER B 37 10.72 -17.34 -33.36
N ASN B 38 11.32 -16.32 -32.72
CA ASN B 38 12.78 -16.18 -32.71
C ASN B 38 13.23 -16.20 -31.27
N PRO B 39 13.66 -17.36 -30.73
CA PRO B 39 14.09 -17.37 -29.33
C PRO B 39 15.38 -16.56 -29.11
N GLY B 40 15.49 -16.03 -27.90
CA GLY B 40 16.42 -14.95 -27.58
C GLY B 40 15.83 -13.58 -27.79
N ASP B 41 14.76 -13.45 -28.60
CA ASP B 41 14.10 -12.19 -28.91
C ASP B 41 12.78 -12.04 -28.11
N PHE B 42 12.11 -10.86 -28.24
CA PHE B 42 10.96 -10.49 -27.44
C PHE B 42 9.94 -9.73 -28.29
N THR B 43 8.71 -9.64 -27.79
CA THR B 43 7.65 -8.92 -28.47
C THR B 43 6.96 -8.01 -27.49
N LEU B 44 6.80 -6.75 -27.90
CA LEU B 44 5.93 -5.81 -27.24
C LEU B 44 4.58 -5.85 -27.96
N SER B 45 3.54 -6.40 -27.27
CA SER B 45 2.18 -6.46 -27.81
C SER B 45 1.31 -5.33 -27.24
N VAL B 46 0.68 -4.56 -28.12
CA VAL B 46 0.04 -3.29 -27.73
C VAL B 46 -1.32 -3.23 -28.37
N ARG B 47 -2.33 -2.82 -27.61
CA ARG B 47 -3.66 -2.56 -28.17
C ARG B 47 -3.74 -1.08 -28.62
N ARG B 48 -4.25 -0.88 -29.82
CA ARG B 48 -4.39 0.44 -30.43
C ARG B 48 -5.63 0.37 -31.37
N ASN B 49 -6.64 1.23 -31.15
CA ASN B 49 -7.91 1.20 -31.92
C ASN B 49 -8.60 -0.19 -32.04
N GLY B 50 -8.81 -0.88 -30.91
CA GLY B 50 -9.51 -2.17 -30.91
C GLY B 50 -8.79 -3.31 -31.60
N ALA B 51 -7.51 -3.08 -32.04
CA ALA B 51 -6.67 -4.12 -32.61
C ALA B 51 -5.34 -4.19 -31.83
N VAL B 52 -4.62 -5.32 -31.98
CA VAL B 52 -3.34 -5.56 -31.35
C VAL B 52 -2.20 -5.48 -32.38
N THR B 53 -1.15 -4.71 -32.07
CA THR B 53 0.10 -4.72 -32.81
C THR B 53 1.22 -5.38 -32.01
N HIS B 54 2.03 -6.19 -32.69
CA HIS B 54 3.15 -6.87 -32.11
C HIS B 54 4.43 -6.23 -32.67
N ILE B 55 5.29 -5.69 -31.78
CA ILE B 55 6.51 -5.01 -32.12
C ILE B 55 7.72 -5.82 -31.63
N LYS B 56 8.59 -6.20 -32.53
CA LYS B 56 9.74 -7.04 -32.23
C LYS B 56 10.86 -6.26 -31.50
N ILE B 57 11.47 -6.91 -30.54
CA ILE B 57 12.65 -6.42 -29.85
C ILE B 57 13.68 -7.53 -29.97
N GLN B 58 14.84 -7.22 -30.53
CA GLN B 58 15.91 -8.19 -30.65
C GLN B 58 16.99 -7.88 -29.65
N ASN B 59 17.53 -8.90 -29.03
CA ASN B 59 18.78 -8.78 -28.32
C ASN B 59 19.79 -9.81 -28.80
N THR B 60 20.85 -9.40 -29.51
CA THR B 60 21.93 -10.37 -29.86
C THR B 60 23.09 -10.41 -28.85
N GLY B 61 23.06 -9.57 -27.84
CA GLY B 61 24.10 -9.53 -26.84
C GLY B 61 24.50 -8.17 -26.38
N ASP B 62 24.17 -7.13 -27.15
CA ASP B 62 24.67 -5.78 -26.84
C ASP B 62 23.65 -4.84 -26.20
N TYR B 63 22.38 -5.06 -26.51
CA TYR B 63 21.28 -4.18 -26.16
C TYR B 63 19.97 -4.76 -26.66
N TYR B 64 18.86 -4.25 -26.12
CA TYR B 64 17.53 -4.50 -26.67
C TYR B 64 17.26 -3.52 -27.82
N ASP B 65 16.99 -4.02 -28.98
CA ASP B 65 16.79 -3.21 -30.17
C ASP B 65 15.30 -3.31 -30.51
N LEU B 66 14.55 -2.25 -30.20
CA LEU B 66 13.11 -2.15 -30.48
C LEU B 66 12.95 -1.74 -31.96
N TYR B 67 12.27 -2.55 -32.76
CA TYR B 67 12.06 -2.26 -34.20
C TYR B 67 11.16 -1.02 -34.34
N GLY B 68 11.61 0.04 -35.02
CA GLY B 68 10.88 1.33 -35.06
C GLY B 68 11.01 2.17 -33.80
N GLY B 69 12.05 1.89 -33.02
CA GLY B 69 12.33 2.65 -31.82
C GLY B 69 13.78 2.59 -31.49
N GLU B 70 14.08 2.69 -30.22
CA GLU B 70 15.42 2.90 -29.75
C GLU B 70 16.03 1.64 -29.18
N LYS B 71 17.26 1.76 -28.75
CA LYS B 71 18.00 0.69 -28.07
C LYS B 71 18.04 0.97 -26.59
N PHE B 72 17.84 -0.06 -25.80
CA PHE B 72 17.71 -0.01 -24.37
C PHE B 72 18.54 -1.07 -23.67
N ALA B 73 18.91 -0.78 -22.43
CA ALA B 73 19.69 -1.68 -21.61
C ALA B 73 18.86 -2.78 -20.94
N THR B 74 17.60 -2.48 -20.62
CA THR B 74 16.66 -3.46 -20.08
C THR B 74 15.25 -3.20 -20.62
N LEU B 75 14.40 -4.22 -20.62
CA LEU B 75 12.99 -4.04 -21.01
C LEU B 75 12.26 -3.09 -20.05
N ALA B 76 12.60 -3.10 -18.76
CA ALA B 76 11.97 -2.18 -17.79
C ALA B 76 12.37 -0.75 -18.11
N GLU B 77 13.65 -0.50 -18.53
CA GLU B 77 14.07 0.84 -18.93
C GLU B 77 13.36 1.25 -20.23
N LEU B 78 13.10 0.30 -21.10
CA LEU B 78 12.34 0.52 -22.34
C LEU B 78 10.95 0.96 -22.01
N VAL B 79 10.24 0.21 -21.13
CA VAL B 79 8.85 0.49 -20.78
C VAL B 79 8.79 1.83 -20.03
N GLN B 80 9.70 2.09 -19.07
CA GLN B 80 9.75 3.37 -18.38
C GLN B 80 9.87 4.55 -19.35
N TYR B 81 10.75 4.43 -20.37
CA TYR B 81 11.00 5.47 -21.36
C TYR B 81 9.74 5.84 -22.14
N TYR B 82 9.06 4.85 -22.69
CA TYR B 82 7.87 5.09 -23.48
C TYR B 82 6.60 5.40 -22.63
N MET B 83 6.52 4.98 -21.37
CA MET B 83 5.44 5.36 -20.46
C MET B 83 5.64 6.80 -19.90
N GLU B 84 6.87 7.36 -19.99
CA GLU B 84 7.18 8.77 -19.68
C GLU B 84 7.51 9.60 -20.94
N HIS B 85 7.20 9.10 -22.18
CA HIS B 85 7.42 9.78 -23.47
C HIS B 85 6.34 9.34 -24.49
N HIS B 86 5.14 9.95 -24.43
CA HIS B 86 4.12 9.70 -25.46
C HIS B 86 4.52 10.41 -26.76
N GLY B 87 4.05 9.87 -27.88
CA GLY B 87 4.41 10.40 -29.19
C GLY B 87 5.85 10.13 -29.60
N GLN B 88 6.50 9.13 -28.97
CA GLN B 88 7.90 8.75 -29.19
C GLN B 88 7.99 7.39 -29.85
N LEU B 89 7.13 6.45 -29.45
CA LEU B 89 7.06 5.18 -30.14
C LEU B 89 6.12 5.28 -31.32
N LYS B 90 6.63 4.91 -32.49
CA LYS B 90 5.82 4.73 -33.69
C LYS B 90 6.11 3.35 -34.23
N GLU B 91 5.14 2.75 -34.94
CA GLU B 91 5.43 1.75 -35.98
C GLU B 91 6.21 2.48 -37.08
N LYS B 92 6.99 1.75 -37.89
CA LYS B 92 7.79 2.42 -38.93
C LYS B 92 6.88 3.08 -40.03
N ASN B 93 5.50 2.94 -39.94
CA ASN B 93 4.54 3.74 -40.73
C ASN B 93 4.53 5.23 -40.37
N GLY B 94 4.80 5.51 -39.09
CA GLY B 94 4.89 6.86 -38.53
C GLY B 94 3.81 7.14 -37.50
N ASP B 95 2.80 6.24 -37.39
CA ASP B 95 1.68 6.41 -36.47
C ASP B 95 2.16 6.16 -35.06
N VAL B 96 1.83 7.06 -34.13
CA VAL B 96 2.13 6.86 -32.71
C VAL B 96 1.44 5.61 -32.13
N ILE B 97 2.24 4.82 -31.41
CA ILE B 97 1.77 3.70 -30.59
C ILE B 97 1.96 4.18 -29.15
N GLU B 98 0.88 4.24 -28.37
CA GLU B 98 0.93 4.65 -26.98
C GLU B 98 0.99 3.47 -26.03
N LEU B 99 1.93 3.50 -25.08
CA LEU B 99 2.00 2.53 -24.00
C LEU B 99 1.43 3.26 -22.80
N LYS B 100 0.24 2.88 -22.39
CA LYS B 100 -0.47 3.53 -21.29
C LYS B 100 -0.70 2.57 -20.11
N TYR B 101 -1.24 1.33 -20.39
CA TYR B 101 -1.74 0.48 -19.35
C TYR B 101 -1.02 -0.88 -19.36
N PRO B 102 -0.07 -1.13 -18.41
CA PRO B 102 0.47 -2.49 -18.31
C PRO B 102 -0.60 -3.51 -18.01
N LEU B 103 -0.65 -4.58 -18.77
CA LEU B 103 -1.50 -5.70 -18.51
C LEU B 103 -0.72 -6.71 -17.71
N ASN B 104 -1.08 -6.85 -16.43
CA ASN B 104 -0.40 -7.75 -15.48
C ASN B 104 -0.57 -9.25 -15.71
N CYS B 105 0.49 -9.97 -15.45
CA CYS B 105 0.57 -11.39 -15.56
C CYS B 105 0.41 -12.00 -14.17
N ALA B 106 -0.33 -13.11 -14.06
CA ALA B 106 -0.62 -13.78 -12.80
C ALA B 106 0.32 -14.99 -12.56
N ASP B 107 0.96 -15.51 -13.62
CA ASP B 107 1.92 -16.59 -13.58
C ASP B 107 2.99 -16.33 -12.49
N PRO B 108 3.09 -17.23 -11.48
CA PRO B 108 4.14 -17.07 -10.45
C PRO B 108 5.47 -17.75 -10.77
N THR B 109 5.58 -18.51 -11.88
CA THR B 109 6.72 -19.42 -12.10
C THR B 109 8.10 -18.72 -12.22
N SER B 110 8.17 -17.41 -12.49
CA SER B 110 9.40 -16.65 -12.50
C SER B 110 9.69 -15.88 -11.20
N GLU B 111 8.92 -16.14 -10.12
CA GLU B 111 9.16 -15.45 -8.86
C GLU B 111 10.18 -16.23 -8.04
N ARG B 112 11.05 -15.51 -7.31
CA ARG B 112 12.13 -16.13 -6.56
C ARG B 112 11.61 -17.09 -5.46
N TRP B 113 10.38 -16.83 -4.96
CA TRP B 113 9.74 -17.58 -3.88
C TRP B 113 8.90 -18.76 -4.34
N PHE B 114 8.68 -18.94 -5.64
CA PHE B 114 7.81 -20.00 -6.12
C PHE B 114 8.51 -21.32 -6.38
N HIS B 115 8.01 -22.42 -5.74
CA HIS B 115 8.60 -23.75 -5.84
C HIS B 115 7.74 -24.86 -6.45
N GLY B 116 6.56 -24.57 -6.97
CA GLY B 116 5.74 -25.60 -7.62
C GLY B 116 5.55 -26.83 -6.75
N HIS B 117 5.76 -28.05 -7.31
CA HIS B 117 5.61 -29.27 -6.50
C HIS B 117 6.73 -29.38 -5.45
N LEU B 118 6.39 -29.30 -4.16
CA LEU B 118 7.40 -29.33 -3.07
C LEU B 118 6.68 -29.61 -1.76
N SER B 119 7.08 -30.65 -1.04
CA SER B 119 6.36 -31.14 0.15
C SER B 119 6.70 -30.27 1.34
N GLY B 120 5.90 -30.39 2.38
CA GLY B 120 6.07 -29.63 3.60
C GLY B 120 7.35 -29.99 4.33
N LYS B 121 7.68 -31.30 4.42
CA LYS B 121 8.96 -31.70 5.01
C LYS B 121 10.14 -31.27 4.10
N GLU B 122 10.03 -31.37 2.76
CA GLU B 122 11.08 -30.84 1.86
C GLU B 122 11.31 -29.33 2.10
N ALA B 123 10.21 -28.54 2.09
CA ALA B 123 10.25 -27.10 2.33
C ALA B 123 10.81 -26.81 3.70
N GLU B 124 10.45 -27.62 4.71
CA GLU B 124 10.93 -27.39 6.07
C GLU B 124 12.42 -27.61 6.13
N LYS B 125 12.91 -28.67 5.47
CA LYS B 125 14.33 -29.00 5.55
C LYS B 125 15.16 -27.94 4.80
N LEU B 126 14.65 -27.41 3.67
CA LEU B 126 15.32 -26.29 2.98
C LEU B 126 15.36 -25.03 3.85
N LEU B 127 14.22 -24.67 4.47
CA LEU B 127 14.17 -23.50 5.36
C LEU B 127 15.02 -23.71 6.62
N THR B 128 15.11 -24.95 7.13
CA THR B 128 15.97 -25.28 8.28
C THR B 128 17.46 -25.16 7.91
N GLU B 129 17.86 -25.75 6.77
CA GLU B 129 19.26 -25.77 6.32
C GLU B 129 19.78 -24.44 5.77
N LYS B 130 18.93 -23.66 5.07
CA LYS B 130 19.35 -22.50 4.27
C LYS B 130 18.65 -21.20 4.61
N GLY B 131 17.43 -21.29 5.13
CA GLY B 131 16.67 -20.10 5.48
C GLY B 131 17.03 -19.53 6.82
N LYS B 132 16.66 -18.29 7.04
CA LYS B 132 16.85 -17.59 8.31
C LYS B 132 15.49 -16.97 8.69
N HIS B 133 15.43 -16.08 9.72
CA HIS B 133 14.17 -15.42 10.09
C HIS B 133 13.60 -14.67 8.86
N GLY B 134 12.33 -14.93 8.57
CA GLY B 134 11.63 -14.30 7.47
C GLY B 134 11.85 -14.93 6.10
N SER B 135 12.60 -16.04 6.03
CA SER B 135 12.76 -16.76 4.75
C SER B 135 11.48 -17.49 4.43
N PHE B 136 11.04 -17.41 3.18
CA PHE B 136 9.75 -17.92 2.78
C PHE B 136 9.79 -18.47 1.36
N LEU B 137 8.79 -19.29 1.09
CA LEU B 137 8.49 -19.82 -0.22
C LEU B 137 6.98 -20.10 -0.32
N VAL B 138 6.51 -20.22 -1.56
CA VAL B 138 5.17 -20.65 -1.90
C VAL B 138 5.34 -21.89 -2.70
N ARG B 139 4.56 -22.93 -2.38
CA ARG B 139 4.57 -24.22 -3.08
C ARG B 139 3.15 -24.71 -3.28
N GLU B 140 2.98 -25.66 -4.19
CA GLU B 140 1.69 -26.29 -4.41
C GLU B 140 1.32 -27.16 -3.18
N SER B 141 0.04 -27.20 -2.87
CA SER B 141 -0.46 -28.08 -1.84
C SER B 141 -0.40 -29.51 -2.36
N GLN B 142 0.09 -30.41 -1.50
CA GLN B 142 0.16 -31.84 -1.82
C GLN B 142 -1.22 -32.49 -1.63
N SER B 143 -1.92 -32.08 -0.57
CA SER B 143 -3.22 -32.58 -0.14
C SER B 143 -4.44 -31.97 -0.87
N HIS B 144 -4.30 -30.74 -1.37
CA HIS B 144 -5.42 -29.99 -1.92
C HIS B 144 -5.05 -29.53 -3.31
N PRO B 145 -5.33 -30.32 -4.35
CA PRO B 145 -4.93 -29.92 -5.70
C PRO B 145 -5.51 -28.59 -6.12
N GLY B 146 -4.69 -27.79 -6.81
CA GLY B 146 -5.04 -26.44 -7.19
C GLY B 146 -4.72 -25.37 -6.14
N ASP B 147 -4.68 -25.75 -4.85
CA ASP B 147 -4.28 -24.86 -3.75
C ASP B 147 -2.74 -24.78 -3.56
N PHE B 148 -2.29 -23.87 -2.68
CA PHE B 148 -0.87 -23.55 -2.48
C PHE B 148 -0.61 -23.37 -0.99
N VAL B 149 0.64 -23.33 -0.60
CA VAL B 149 1.05 -23.22 0.80
C VAL B 149 2.16 -22.22 0.86
N LEU B 150 2.04 -21.24 1.74
CA LEU B 150 3.11 -20.33 2.08
C LEU B 150 3.87 -20.89 3.30
N SER B 151 5.13 -21.28 3.08
CA SER B 151 6.01 -21.76 4.16
C SER B 151 7.01 -20.65 4.56
N VAL B 152 7.05 -20.28 5.85
CA VAL B 152 7.82 -19.15 6.38
C VAL B 152 8.62 -19.63 7.58
N ARG B 153 9.94 -19.45 7.60
CA ARG B 153 10.72 -19.58 8.83
C ARG B 153 10.63 -18.27 9.59
N THR B 154 10.39 -18.31 10.91
CA THR B 154 10.61 -17.18 11.81
C THR B 154 11.39 -17.68 13.04
N GLY B 155 12.08 -16.77 13.73
CA GLY B 155 12.90 -17.16 14.86
C GLY B 155 13.91 -16.14 15.28
N ASP B 156 14.93 -16.61 16.03
CA ASP B 156 15.96 -15.76 16.60
C ASP B 156 16.96 -15.46 15.48
N ASP B 157 17.76 -16.47 15.07
CA ASP B 157 18.81 -16.30 14.06
C ASP B 157 18.41 -17.00 12.75
N SER B 161 22.38 -23.83 15.87
CA SER B 161 21.74 -24.30 17.10
C SER B 161 20.23 -24.54 16.91
N ASN B 162 19.79 -25.83 16.81
CA ASN B 162 18.36 -26.15 16.78
C ASN B 162 17.80 -26.28 18.21
N ASP B 163 17.68 -25.12 18.87
CA ASP B 163 17.22 -24.99 20.27
C ASP B 163 15.73 -24.61 20.39
N GLY B 164 14.96 -24.74 19.31
CA GLY B 164 13.54 -24.39 19.32
C GLY B 164 13.24 -22.90 19.27
N LYS B 165 14.27 -22.04 19.25
CA LYS B 165 14.07 -20.61 19.10
C LYS B 165 13.48 -20.21 17.72
N SER B 166 13.62 -21.09 16.70
CA SER B 166 13.06 -20.87 15.36
C SER B 166 12.06 -21.98 14.98
N LYS B 167 11.21 -21.69 13.97
CA LYS B 167 10.13 -22.56 13.54
C LYS B 167 9.77 -22.31 12.07
N VAL B 168 9.07 -23.28 11.46
CA VAL B 168 8.50 -23.13 10.11
C VAL B 168 6.97 -23.20 10.21
N THR B 169 6.28 -22.11 9.80
CA THR B 169 4.82 -22.10 9.72
C THR B 169 4.37 -22.34 8.27
N HIS B 170 3.24 -23.03 8.09
CA HIS B 170 2.63 -23.27 6.79
C HIS B 170 1.25 -22.63 6.79
N VAL B 171 1.02 -21.68 5.87
CA VAL B 171 -0.25 -20.99 5.73
C VAL B 171 -0.82 -21.48 4.44
N MET B 172 -1.99 -22.10 4.49
CA MET B 172 -2.69 -22.55 3.32
C MET B 172 -3.25 -21.37 2.56
N ILE B 173 -3.13 -21.44 1.23
CA ILE B 173 -3.61 -20.46 0.28
C ILE B 173 -4.58 -21.20 -0.57
N ARG B 174 -5.85 -20.82 -0.50
CA ARG B 174 -6.87 -21.40 -1.38
C ARG B 174 -6.88 -20.65 -2.69
N CYS B 175 -7.04 -21.38 -3.76
CA CYS B 175 -7.27 -20.80 -5.08
C CYS B 175 -8.73 -21.12 -5.36
N GLN B 176 -9.57 -20.10 -5.52
CA GLN B 176 -10.99 -20.29 -5.71
C GLN B 176 -11.43 -19.34 -6.84
N GLU B 177 -11.89 -19.89 -7.99
CA GLU B 177 -12.25 -19.11 -9.17
C GLU B 177 -11.10 -18.18 -9.62
N LEU B 178 -9.90 -18.71 -9.67
CA LEU B 178 -8.69 -18.00 -10.07
C LEU B 178 -8.37 -16.75 -9.23
N LYS B 179 -8.82 -16.74 -7.96
CA LYS B 179 -8.37 -15.76 -6.99
C LYS B 179 -7.79 -16.49 -5.78
N TYR B 180 -6.91 -15.82 -5.04
CA TYR B 180 -6.09 -16.45 -3.99
C TYR B 180 -6.36 -15.80 -2.65
N ASP B 181 -6.45 -16.60 -1.58
CA ASP B 181 -6.70 -16.06 -0.25
C ASP B 181 -6.11 -16.97 0.84
N VAL B 182 -5.92 -16.43 2.03
CA VAL B 182 -5.42 -17.18 3.19
C VAL B 182 -6.53 -17.55 4.16
N GLY B 183 -7.76 -17.76 3.68
CA GLY B 183 -8.87 -18.23 4.51
C GLY B 183 -9.92 -17.17 4.84
N GLY B 184 -9.54 -15.91 4.68
CA GLY B 184 -10.42 -14.79 4.89
C GLY B 184 -9.81 -13.52 4.36
N GLY B 185 -10.61 -12.49 4.32
CA GLY B 185 -10.18 -11.15 3.95
C GLY B 185 -10.24 -10.96 2.46
N GLU B 186 -9.15 -10.42 1.89
CA GLU B 186 -9.07 -10.06 0.50
C GLU B 186 -8.79 -11.30 -0.34
N ARG B 187 -9.34 -11.31 -1.54
CA ARG B 187 -9.09 -12.33 -2.56
C ARG B 187 -8.30 -11.66 -3.70
N PHE B 188 -7.14 -12.20 -4.03
CA PHE B 188 -6.14 -11.59 -4.92
C PHE B 188 -6.15 -12.17 -6.32
N ASP B 189 -5.80 -11.36 -7.36
CA ASP B 189 -5.78 -11.86 -8.73
C ASP B 189 -4.60 -12.79 -9.04
N SER B 190 -3.63 -12.89 -8.13
CA SER B 190 -2.44 -13.67 -8.35
C SER B 190 -1.77 -14.01 -7.01
N LEU B 191 -0.92 -15.01 -6.99
CA LEU B 191 -0.06 -15.27 -5.83
C LEU B 191 0.87 -14.13 -5.54
N THR B 192 1.38 -13.45 -6.59
CA THR B 192 2.26 -12.29 -6.38
C THR B 192 1.58 -11.14 -5.65
N ASP B 193 0.36 -10.80 -6.04
CA ASP B 193 -0.43 -9.80 -5.32
C ASP B 193 -0.67 -10.21 -3.86
N LEU B 194 -0.93 -11.51 -3.60
CA LEU B 194 -1.07 -11.99 -2.23
C LEU B 194 0.25 -11.86 -1.48
N VAL B 195 1.38 -12.34 -2.05
CA VAL B 195 2.68 -12.26 -1.39
C VAL B 195 3.03 -10.81 -1.09
N GLU B 196 2.81 -9.87 -2.04
CA GLU B 196 3.16 -8.46 -1.82
C GLU B 196 2.33 -7.84 -0.74
N HIS B 197 1.02 -8.16 -0.73
CA HIS B 197 0.16 -7.74 0.35
C HIS B 197 0.69 -8.17 1.72
N TYR B 198 0.98 -9.45 1.91
CA TYR B 198 1.39 -9.95 3.21
C TYR B 198 2.87 -9.68 3.50
N LYS B 199 3.71 -9.34 2.52
CA LYS B 199 5.01 -8.67 2.77
C LYS B 199 4.81 -7.29 3.48
N LYS B 200 3.95 -6.42 2.92
CA LYS B 200 3.60 -5.11 3.53
C LYS B 200 2.83 -5.25 4.85
N ASN B 201 1.91 -6.19 4.91
CA ASN B 201 0.93 -6.29 5.99
C ASN B 201 0.99 -7.72 6.55
N PRO B 202 2.06 -8.05 7.28
CA PRO B 202 2.26 -9.44 7.67
C PRO B 202 1.15 -10.00 8.55
N MET B 203 0.99 -11.33 8.44
CA MET B 203 0.03 -12.06 9.23
C MET B 203 0.56 -12.17 10.63
N VAL B 204 -0.33 -12.00 11.60
CA VAL B 204 0.04 -12.15 13.01
C VAL B 204 -0.74 -13.32 13.58
N GLU B 205 -0.03 -14.24 14.21
CA GLU B 205 -0.63 -15.46 14.70
C GLU B 205 -1.45 -15.14 15.94
N THR B 206 -2.37 -16.04 16.32
CA THR B 206 -3.17 -15.94 17.56
C THR B 206 -2.35 -15.44 18.78
N LEU B 207 -1.25 -16.10 19.07
CA LEU B 207 -0.41 -15.76 20.21
C LEU B 207 0.73 -14.78 19.92
N GLY B 208 0.65 -14.05 18.80
CA GLY B 208 1.48 -12.89 18.56
C GLY B 208 2.60 -13.00 17.54
N THR B 209 3.02 -14.21 17.10
CA THR B 209 4.15 -14.34 16.16
C THR B 209 3.83 -13.61 14.83
N VAL B 210 4.73 -12.72 14.39
CA VAL B 210 4.57 -12.03 13.11
C VAL B 210 5.24 -12.90 12.04
N LEU B 211 4.45 -13.26 11.01
CA LEU B 211 4.92 -14.07 9.91
C LEU B 211 5.47 -13.13 8.84
N GLN B 212 6.60 -12.53 9.17
CA GLN B 212 7.29 -11.57 8.30
C GLN B 212 7.82 -12.35 7.12
N LEU B 213 7.52 -11.87 5.92
CA LEU B 213 8.10 -12.36 4.69
C LEU B 213 9.27 -11.40 4.29
N LYS B 214 10.44 -11.68 4.84
CA LYS B 214 11.59 -10.79 4.72
C LYS B 214 12.30 -11.03 3.42
N GLN B 215 12.54 -12.30 3.04
CA GLN B 215 13.23 -12.65 1.80
C GLN B 215 12.88 -14.05 1.30
N PRO B 216 12.84 -14.28 -0.02
CA PRO B 216 12.67 -15.67 -0.50
C PRO B 216 13.81 -16.57 -0.07
N LEU B 217 13.53 -17.87 -0.09
CA LEU B 217 14.56 -18.86 0.21
C LEU B 217 15.58 -18.84 -0.95
N ASN B 218 16.87 -18.74 -0.63
CA ASN B 218 17.91 -18.73 -1.65
C ASN B 218 18.11 -20.15 -2.19
N THR B 219 17.96 -20.36 -3.51
CA THR B 219 18.15 -21.63 -4.18
C THR B 219 19.31 -21.62 -5.22
N THR B 220 20.10 -20.54 -5.29
CA THR B 220 21.07 -20.37 -6.40
C THR B 220 22.54 -20.42 -5.89
N ARG B 221 22.75 -20.08 -4.61
CA ARG B 221 24.04 -20.18 -3.95
C ARG B 221 24.45 -21.61 -3.88
N ILE B 222 25.63 -21.93 -4.44
CA ILE B 222 26.16 -23.26 -4.58
C ILE B 222 27.59 -23.24 -4.11
N ASN B 223 28.08 -24.39 -3.66
CA ASN B 223 29.47 -24.56 -3.37
C ASN B 223 30.13 -24.78 -4.70
N ALA B 224 31.29 -24.17 -4.93
CA ALA B 224 31.91 -24.22 -6.24
C ALA B 224 32.23 -25.65 -6.66
N ALA B 225 32.63 -26.51 -5.69
CA ALA B 225 32.79 -27.97 -5.87
C ALA B 225 31.63 -28.62 -6.62
N GLU B 226 30.41 -28.16 -6.37
CA GLU B 226 29.19 -28.73 -6.92
C GLU B 226 28.65 -27.97 -8.16
N ILE B 227 29.56 -27.21 -8.90
CA ILE B 227 29.20 -26.49 -10.12
C ILE B 227 28.72 -27.46 -11.19
N GLU B 228 29.44 -28.56 -11.40
CA GLU B 228 29.11 -29.49 -12.48
C GLU B 228 27.69 -30.02 -12.37
N SER B 229 27.29 -30.45 -11.13
CA SER B 229 25.92 -30.96 -10.90
C SER B 229 24.89 -29.89 -11.14
N ARG B 230 25.15 -28.65 -10.70
CA ARG B 230 24.22 -27.55 -10.97
C ARG B 230 24.09 -27.27 -12.47
N VAL B 231 25.21 -27.22 -13.24
CA VAL B 231 25.12 -27.04 -14.68
C VAL B 231 24.33 -28.19 -15.35
N ARG B 232 24.58 -29.47 -14.97
CA ARG B 232 23.85 -30.64 -15.48
C ARG B 232 22.35 -30.57 -15.21
N GLU B 233 22.01 -30.20 -14.01
CA GLU B 233 20.64 -29.93 -13.60
C GLU B 233 19.97 -28.80 -14.41
N LEU B 234 20.71 -27.69 -14.66
CA LEU B 234 20.21 -26.55 -15.40
C LEU B 234 20.13 -26.78 -16.90
N SER B 235 20.88 -27.72 -17.43
CA SER B 235 20.84 -28.05 -18.84
C SER B 235 19.62 -28.88 -19.27
N LYS B 236 18.72 -29.25 -18.35
CA LYS B 236 17.51 -29.99 -18.70
C LYS B 236 16.30 -29.29 -18.07
N GLY B 247 16.04 -25.22 -15.60
CA GLY B 247 16.57 -24.68 -16.84
C GLY B 247 17.34 -23.36 -16.64
N PHE B 248 18.36 -23.09 -17.48
CA PHE B 248 19.11 -21.81 -17.53
C PHE B 248 18.18 -20.62 -17.91
N TRP B 249 17.23 -20.82 -18.88
CA TRP B 249 16.24 -19.79 -19.29
C TRP B 249 15.36 -19.37 -18.13
N GLU B 250 14.94 -20.34 -17.36
CA GLU B 250 14.06 -20.11 -16.26
C GLU B 250 14.76 -19.38 -15.10
N GLU B 251 16.00 -19.78 -14.78
CA GLU B 251 16.79 -19.05 -13.77
C GLU B 251 17.11 -17.63 -14.28
N PHE B 252 17.46 -17.47 -15.56
CA PHE B 252 17.72 -16.14 -16.11
C PHE B 252 16.47 -15.24 -16.04
N GLU B 253 15.30 -15.77 -16.43
CA GLU B 253 14.08 -14.95 -16.43
C GLU B 253 13.65 -14.57 -15.04
N THR B 254 13.95 -15.42 -14.01
CA THR B 254 13.70 -14.97 -12.62
C THR B 254 14.56 -13.76 -12.26
N LEU B 255 15.81 -13.73 -12.77
CA LEU B 255 16.69 -12.60 -12.58
C LEU B 255 16.17 -11.40 -13.31
N GLN B 256 15.79 -11.59 -14.60
CA GLN B 256 15.26 -10.48 -15.38
C GLN B 256 14.03 -9.84 -14.70
N GLN B 257 13.18 -10.67 -14.07
CA GLN B 257 12.00 -10.17 -13.35
C GLN B 257 12.28 -9.19 -12.23
N GLN B 258 13.54 -9.13 -11.74
CA GLN B 258 13.95 -8.21 -10.68
C GLN B 258 14.51 -6.85 -11.17
N GLU B 259 14.49 -6.61 -12.48
CA GLU B 259 15.13 -5.42 -13.05
C GLU B 259 14.32 -4.13 -12.84
N CYS B 260 12.99 -4.26 -12.61
N CYS B 260 13.00 -4.23 -12.59
CA CYS B 260 12.10 -3.24 -12.00
CA CYS B 260 12.24 -3.06 -12.13
C CYS B 260 12.75 -2.56 -10.80
C CYS B 260 12.73 -2.52 -10.77
N LYS B 261 13.49 -3.33 -10.01
CA LYS B 261 14.13 -2.84 -8.80
C LYS B 261 15.37 -1.95 -9.05
N LEU B 262 15.78 -1.80 -10.33
CA LEU B 262 17.05 -1.16 -10.65
C LEU B 262 16.90 0.05 -11.55
N LEU B 263 15.73 0.73 -11.47
CA LEU B 263 15.51 1.92 -12.26
C LEU B 263 16.03 3.13 -11.54
N TYR B 264 17.34 3.15 -11.32
CA TYR B 264 18.00 4.30 -10.70
C TYR B 264 18.12 5.46 -11.68
N SER B 265 18.26 6.66 -11.13
CA SER B 265 18.26 7.85 -11.96
C SER B 265 19.52 7.90 -12.85
N ARG B 266 19.36 8.42 -14.06
CA ARG B 266 20.39 8.63 -15.06
C ARG B 266 20.23 10.05 -15.61
N LYS B 267 20.04 11.04 -14.71
CA LYS B 267 19.78 12.42 -15.10
C LYS B 267 20.98 13.07 -15.80
N GLU B 268 22.22 12.87 -15.30
CA GLU B 268 23.38 13.48 -15.95
C GLU B 268 23.53 13.04 -17.41
N GLY B 269 23.31 11.77 -17.67
CA GLY B 269 23.45 11.27 -19.04
C GLY B 269 22.39 11.78 -19.98
N GLN B 270 21.21 12.09 -19.38
CA GLN B 270 20.04 12.67 -20.03
C GLN B 270 20.18 14.18 -20.35
N ARG B 271 21.22 14.87 -19.83
CA ARG B 271 21.41 16.31 -20.09
C ARG B 271 21.73 16.61 -21.51
N GLN B 272 21.24 17.77 -22.01
CA GLN B 272 21.39 18.18 -23.42
C GLN B 272 22.83 18.23 -23.82
N GLU B 273 23.67 18.78 -22.93
CA GLU B 273 25.11 18.92 -23.15
C GLU B 273 25.87 17.59 -23.23
N ASN B 274 25.27 16.51 -22.71
CA ASN B 274 25.87 15.15 -22.71
C ASN B 274 25.31 14.20 -23.75
N LYS B 275 24.27 14.62 -24.52
CA LYS B 275 23.63 13.74 -25.51
C LYS B 275 24.57 13.13 -26.55
N ASN B 276 25.47 13.97 -27.10
CA ASN B 276 26.52 13.64 -28.07
C ASN B 276 27.63 12.66 -27.57
N LYS B 277 27.69 12.45 -26.26
CA LYS B 277 28.71 11.63 -25.59
C LYS B 277 28.22 10.19 -25.29
N ASN B 278 26.96 9.90 -25.62
CA ASN B 278 26.39 8.57 -25.52
C ASN B 278 26.37 7.91 -26.90
N ARG B 279 26.86 6.67 -26.97
CA ARG B 279 26.77 5.86 -28.16
C ARG B 279 25.30 5.61 -28.51
N TYR B 280 24.47 5.31 -27.51
CA TYR B 280 23.04 5.08 -27.66
C TYR B 280 22.36 6.01 -26.65
N LYS B 281 21.45 6.86 -27.12
CA LYS B 281 20.85 7.91 -26.31
C LYS B 281 20.19 7.45 -25.04
N ASN B 282 19.62 6.22 -24.99
CA ASN B 282 18.94 5.69 -23.78
C ASN B 282 19.73 4.70 -22.98
N ILE B 283 21.01 4.41 -23.37
CA ILE B 283 21.86 3.52 -22.60
C ILE B 283 22.79 4.43 -21.85
N LEU B 284 22.53 4.60 -20.59
CA LEU B 284 23.12 5.70 -19.82
C LEU B 284 23.64 5.22 -18.50
N PRO B 285 24.67 5.88 -17.95
CA PRO B 285 25.19 5.47 -16.65
C PRO B 285 24.32 5.98 -15.49
N PHE B 286 24.17 5.15 -14.46
CA PHE B 286 23.51 5.60 -13.24
C PHE B 286 24.27 6.72 -12.63
N ASP B 287 23.53 7.76 -12.17
CA ASP B 287 24.15 8.92 -11.51
C ASP B 287 25.01 8.50 -10.33
N HIS B 288 24.54 7.56 -9.54
CA HIS B 288 25.16 7.23 -8.25
C HIS B 288 26.46 6.46 -8.37
N THR B 289 26.77 5.84 -9.54
CA THR B 289 28.05 5.18 -9.77
C THR B 289 28.84 5.69 -11.00
N ARG B 290 28.38 6.76 -11.66
CA ARG B 290 29.08 7.25 -12.85
C ARG B 290 30.45 7.76 -12.51
N VAL B 291 31.36 7.64 -13.48
CA VAL B 291 32.68 8.22 -13.32
C VAL B 291 32.54 9.70 -13.57
N VAL B 292 32.85 10.53 -12.59
CA VAL B 292 32.85 11.99 -12.73
C VAL B 292 34.23 12.42 -13.07
N LEU B 293 34.36 13.17 -14.18
CA LEU B 293 35.64 13.64 -14.63
C LEU B 293 35.90 15.05 -14.08
N HIS B 294 37.03 15.21 -13.45
CA HIS B 294 37.48 16.43 -12.80
CA HIS B 294 37.46 16.43 -12.79
C HIS B 294 38.49 17.17 -13.67
N ASP B 295 38.88 18.37 -13.26
CA ASP B 295 39.95 19.13 -13.93
C ASP B 295 39.74 19.30 -15.44
N GLY B 296 38.49 19.53 -15.83
CA GLY B 296 38.14 19.74 -17.23
C GLY B 296 38.46 21.14 -17.69
N ASP B 297 38.24 21.39 -18.98
CA ASP B 297 38.48 22.70 -19.55
C ASP B 297 37.33 23.60 -19.03
N PRO B 298 37.61 24.77 -18.39
CA PRO B 298 36.49 25.65 -18.01
C PRO B 298 35.64 26.13 -19.18
N ASN B 299 36.26 26.28 -20.36
CA ASN B 299 35.57 26.69 -21.59
C ASN B 299 34.62 25.62 -22.11
N SER B 303 31.95 19.29 -18.73
CA SER B 303 33.24 18.61 -18.93
C SER B 303 33.45 17.44 -17.95
N ASP B 304 32.43 17.07 -17.14
CA ASP B 304 32.53 16.09 -16.09
C ASP B 304 31.95 14.72 -16.46
N TYR B 305 31.46 14.55 -17.69
CA TYR B 305 30.66 13.38 -18.06
C TYR B 305 31.39 12.44 -18.99
N ILE B 306 31.26 11.15 -18.68
CA ILE B 306 31.55 10.06 -19.56
C ILE B 306 30.55 8.97 -19.34
N ASN B 307 30.17 8.28 -20.42
CA ASN B 307 29.28 7.14 -20.27
C ASN B 307 30.09 5.95 -19.72
N ALA B 308 30.20 5.89 -18.35
CA ALA B 308 31.05 4.93 -17.67
C ALA B 308 30.57 4.81 -16.24
N ASN B 309 30.60 3.59 -15.65
CA ASN B 309 30.33 3.40 -14.22
C ASN B 309 31.45 2.64 -13.49
N ILE B 310 31.67 3.01 -12.23
CA ILE B 310 32.49 2.24 -11.31
C ILE B 310 31.70 1.02 -10.91
N ILE B 311 32.29 -0.17 -11.11
CA ILE B 311 31.72 -1.43 -10.66
C ILE B 311 32.57 -1.95 -9.48
N MET B 312 31.99 -2.00 -8.32
CA MET B 312 32.67 -2.41 -7.09
C MET B 312 31.97 -3.71 -6.65
N PRO B 313 32.61 -4.89 -6.68
CA PRO B 313 31.95 -6.07 -6.09
C PRO B 313 31.66 -5.88 -4.58
N GLU B 314 30.50 -6.34 -4.10
CA GLU B 314 30.19 -6.39 -2.64
C GLU B 314 29.24 -7.55 -2.32
N LYS B 325 39.17 -8.16 -4.49
CA LYS B 325 39.80 -6.95 -3.93
C LYS B 325 39.84 -5.75 -4.95
N LYS B 326 39.49 -6.07 -6.21
CA LYS B 326 39.70 -5.39 -7.51
C LYS B 326 38.40 -4.76 -7.95
N SER B 327 38.45 -3.57 -8.55
CA SER B 327 37.21 -2.97 -9.09
C SER B 327 37.35 -2.66 -10.52
N TYR B 328 36.20 -2.25 -11.16
CA TYR B 328 36.17 -2.07 -12.60
C TYR B 328 35.55 -0.74 -12.99
N ILE B 329 35.88 -0.26 -14.17
CA ILE B 329 35.06 0.74 -14.86
C ILE B 329 34.41 0.05 -16.04
N ALA B 330 33.09 -0.03 -16.08
CA ALA B 330 32.35 -0.47 -17.25
C ALA B 330 31.97 0.75 -18.10
N THR B 331 32.39 0.75 -19.36
CA THR B 331 32.16 1.82 -20.27
C THR B 331 31.92 1.32 -21.68
N GLN B 332 31.47 2.27 -22.53
CA GLN B 332 31.13 2.07 -23.93
C GLN B 332 32.41 2.16 -24.78
N GLY B 333 32.32 1.71 -26.01
CA GLY B 333 33.31 2.04 -27.03
C GLY B 333 33.32 3.54 -27.29
N CYS B 334 34.50 4.13 -27.46
CA CYS B 334 34.62 5.58 -27.69
C CYS B 334 33.87 6.03 -28.90
N LEU B 335 33.37 7.25 -28.84
CA LEU B 335 33.04 8.02 -30.02
C LEU B 335 34.23 8.90 -30.34
N GLN B 336 34.26 9.44 -31.57
CA GLN B 336 35.35 10.32 -32.01
C GLN B 336 35.51 11.49 -31.04
N ASN B 337 34.38 12.03 -30.57
CA ASN B 337 34.33 13.15 -29.63
C ASN B 337 34.45 12.80 -28.17
N THR B 338 34.60 11.49 -27.81
CA THR B 338 34.82 11.12 -26.41
C THR B 338 36.18 10.44 -26.20
N VAL B 339 37.05 10.34 -27.20
CA VAL B 339 38.40 9.78 -27.02
C VAL B 339 39.21 10.50 -25.95
N ASN B 340 39.22 11.85 -26.00
CA ASN B 340 39.97 12.61 -25.02
C ASN B 340 39.44 12.38 -23.62
N ASP B 341 38.11 12.34 -23.46
CA ASP B 341 37.47 12.05 -22.16
C ASP B 341 37.80 10.65 -21.62
N PHE B 342 37.87 9.64 -22.50
CA PHE B 342 38.27 8.26 -22.12
C PHE B 342 39.70 8.30 -21.52
N TRP B 343 40.64 9.02 -22.18
CA TRP B 343 42.01 9.08 -21.65
C TRP B 343 42.07 9.91 -20.37
N ARG B 344 41.30 11.02 -20.27
CA ARG B 344 41.11 11.73 -18.98
C ARG B 344 40.67 10.79 -17.87
N MET B 345 39.71 9.90 -18.12
CA MET B 345 39.22 8.89 -17.19
C MET B 345 40.33 7.96 -16.77
N VAL B 346 41.02 7.34 -17.74
CA VAL B 346 42.08 6.39 -17.42
C VAL B 346 43.14 7.04 -16.51
N PHE B 347 43.60 8.23 -16.92
CA PHE B 347 44.58 8.96 -16.10
C PHE B 347 44.05 9.23 -14.69
N GLN B 348 42.91 9.92 -14.57
CA GLN B 348 42.31 10.27 -13.31
C GLN B 348 42.09 9.09 -12.33
N GLU B 349 41.58 7.97 -12.85
CA GLU B 349 41.27 6.82 -12.01
C GLU B 349 42.50 5.95 -11.75
N ASN B 350 43.65 6.30 -12.36
CA ASN B 350 44.87 5.57 -12.23
C ASN B 350 44.71 4.14 -12.77
N SER B 351 43.83 3.89 -13.76
CA SER B 351 43.70 2.56 -14.37
C SER B 351 45.00 2.22 -15.16
N ARG B 352 45.46 1.00 -14.98
CA ARG B 352 46.67 0.45 -15.62
C ARG B 352 46.41 -0.70 -16.59
N VAL B 353 45.17 -1.16 -16.68
CA VAL B 353 44.73 -2.20 -17.55
C VAL B 353 43.35 -1.87 -18.18
N ILE B 354 43.22 -2.09 -19.49
CA ILE B 354 42.00 -1.92 -20.29
C ILE B 354 41.77 -3.25 -20.95
N VAL B 355 40.51 -3.69 -20.94
CA VAL B 355 39.99 -4.85 -21.59
C VAL B 355 39.00 -4.34 -22.61
N MET B 356 39.23 -4.70 -23.88
CA MET B 356 38.33 -4.34 -24.99
C MET B 356 37.68 -5.59 -25.44
N THR B 357 36.38 -5.57 -25.61
CA THR B 357 35.62 -6.85 -25.74
C THR B 357 35.08 -7.08 -27.18
N THR B 358 35.41 -6.18 -28.13
CA THR B 358 34.91 -6.22 -29.48
C THR B 358 36.11 -5.91 -30.39
N LYS B 359 35.97 -6.28 -31.65
CA LYS B 359 36.81 -5.70 -32.71
C LYS B 359 36.36 -4.26 -32.90
N GLU B 360 37.23 -3.46 -33.49
CA GLU B 360 36.85 -2.14 -33.96
C GLU B 360 35.65 -2.20 -34.91
N VAL B 361 35.61 -3.25 -35.79
CA VAL B 361 34.55 -3.45 -36.79
C VAL B 361 34.08 -4.92 -36.76
N GLU B 362 32.79 -5.11 -36.56
CA GLU B 362 32.18 -6.46 -36.62
C GLU B 362 30.98 -6.37 -37.53
N ARG B 363 30.84 -7.32 -38.47
CA ARG B 363 29.79 -7.30 -39.49
C ARG B 363 29.68 -5.94 -40.21
N GLY B 364 30.83 -5.44 -40.66
CA GLY B 364 30.93 -4.16 -41.34
C GLY B 364 30.52 -2.95 -40.55
N LYS B 365 30.18 -3.12 -39.25
CA LYS B 365 29.76 -2.02 -38.38
C LYS B 365 30.88 -1.67 -37.37
N SER B 366 31.06 -0.35 -37.07
CA SER B 366 31.98 0.13 -36.03
C SER B 366 31.42 -0.19 -34.61
N LYS B 367 32.23 -0.91 -33.77
CA LYS B 367 31.91 -1.28 -32.35
C LYS B 367 32.84 -0.61 -31.29
N CYS B 368 34.13 -0.38 -31.57
CA CYS B 368 34.87 0.70 -30.84
C CYS B 368 35.86 1.36 -31.76
N VAL B 369 35.87 2.68 -31.78
CA VAL B 369 36.79 3.42 -32.61
C VAL B 369 38.19 3.26 -31.98
N LYS B 370 39.19 3.33 -32.83
CA LYS B 370 40.56 3.29 -32.44
C LYS B 370 40.89 4.57 -31.65
N TYR B 371 41.29 4.40 -30.41
CA TYR B 371 41.70 5.46 -29.49
C TYR B 371 43.15 5.29 -29.01
N TRP B 372 43.93 4.39 -29.66
CA TRP B 372 45.30 4.17 -29.30
C TRP B 372 46.13 4.38 -30.59
N PRO B 373 47.38 4.78 -30.43
CA PRO B 373 48.24 4.90 -31.62
C PRO B 373 48.66 3.57 -32.23
N ASP B 374 49.05 3.60 -33.50
CA ASP B 374 49.75 2.47 -34.13
C ASP B 374 50.99 2.07 -33.39
N GLU B 375 51.42 0.83 -33.52
CA GLU B 375 52.65 0.37 -32.87
C GLU B 375 53.88 1.28 -33.15
N TYR B 376 54.65 1.53 -32.09
CA TYR B 376 55.77 2.45 -32.06
C TYR B 376 55.37 3.97 -32.25
N ALA B 377 54.13 4.31 -32.53
CA ALA B 377 53.68 5.70 -32.71
C ALA B 377 53.29 6.37 -31.36
N LEU B 378 53.24 7.71 -31.37
CA LEU B 378 52.93 8.59 -30.25
C LEU B 378 51.83 9.49 -30.74
N LYS B 379 50.75 9.63 -29.95
CA LYS B 379 49.68 10.56 -30.26
C LYS B 379 49.27 11.38 -29.03
N GLU B 380 48.87 12.63 -29.26
CA GLU B 380 48.23 13.46 -28.24
C GLU B 380 46.74 13.44 -28.39
N TYR B 381 46.02 13.11 -27.27
CA TYR B 381 44.58 13.13 -27.15
C TYR B 381 44.26 14.21 -26.16
N GLY B 382 44.11 15.43 -26.64
CA GLY B 382 43.86 16.58 -25.76
C GLY B 382 45.09 16.83 -24.93
N VAL B 383 44.95 16.88 -23.59
CA VAL B 383 46.08 17.04 -22.68
C VAL B 383 46.87 15.76 -22.43
N MET B 384 46.42 14.62 -22.97
CA MET B 384 47.04 13.32 -22.67
C MET B 384 47.91 12.92 -23.85
N ARG B 385 48.99 12.25 -23.59
CA ARG B 385 49.91 11.76 -24.58
C ARG B 385 49.93 10.24 -24.39
N VAL B 386 49.83 9.49 -25.50
CA VAL B 386 49.92 8.03 -25.47
C VAL B 386 50.96 7.56 -26.45
N ARG B 387 51.95 6.80 -25.94
CA ARG B 387 52.87 6.05 -26.78
C ARG B 387 52.44 4.56 -26.85
N ASN B 388 52.42 3.95 -28.07
CA ASN B 388 52.18 2.51 -28.16
C ASN B 388 53.57 1.92 -28.27
N VAL B 389 54.07 1.32 -27.15
CA VAL B 389 55.44 0.82 -27.04
C VAL B 389 55.64 -0.48 -27.82
N LYS B 390 54.69 -1.37 -27.74
CA LYS B 390 54.84 -2.72 -28.29
C LYS B 390 53.49 -3.43 -28.30
N GLU B 391 53.16 -4.10 -29.41
CA GLU B 391 52.03 -4.98 -29.49
C GLU B 391 52.52 -6.43 -29.56
N SER B 392 51.79 -7.33 -28.90
CA SER B 392 52.05 -8.77 -28.86
C SER B 392 50.75 -9.45 -29.20
N ALA B 393 50.75 -10.29 -30.20
CA ALA B 393 49.58 -10.98 -30.66
C ALA B 393 49.56 -12.39 -30.06
N ALA B 394 48.45 -12.80 -29.48
CA ALA B 394 48.13 -14.17 -29.21
C ALA B 394 46.96 -14.50 -30.12
N HIS B 395 46.48 -15.76 -30.14
CA HIS B 395 45.43 -16.15 -31.03
C HIS B 395 44.13 -15.36 -30.67
N ASP B 396 43.80 -15.26 -29.39
CA ASP B 396 42.50 -14.70 -28.98
C ASP B 396 42.52 -13.20 -28.71
N TYR B 397 43.68 -12.62 -28.59
CA TYR B 397 43.83 -11.22 -28.25
C TYR B 397 45.16 -10.63 -28.65
N THR B 398 45.19 -9.29 -28.68
CA THR B 398 46.43 -8.52 -28.80
C THR B 398 46.60 -7.74 -27.54
N LEU B 399 47.83 -7.72 -27.05
CA LEU B 399 48.26 -6.87 -25.95
C LEU B 399 49.00 -5.69 -26.52
N ARG B 400 48.61 -4.48 -26.15
CA ARG B 400 49.32 -3.29 -26.48
C ARG B 400 49.84 -2.67 -25.22
N GLU B 401 51.13 -2.43 -25.14
CA GLU B 401 51.75 -1.79 -24.01
C GLU B 401 51.77 -0.30 -24.32
N LEU B 402 50.99 0.48 -23.61
CA LEU B 402 50.79 1.89 -23.90
C LEU B 402 51.42 2.69 -22.75
N LYS B 403 51.97 3.86 -23.02
CA LYS B 403 52.46 4.74 -21.93
C LYS B 403 51.69 6.03 -22.01
N LEU B 404 51.01 6.37 -20.91
CA LEU B 404 50.06 7.47 -20.80
C LEU B 404 50.66 8.53 -19.86
N SER B 405 50.66 9.77 -20.30
CA SER B 405 51.16 10.89 -19.50
C SER B 405 50.39 12.14 -19.86
N LYS B 406 50.43 13.14 -18.98
CA LYS B 406 49.91 14.45 -19.28
C LYS B 406 51.01 15.20 -19.98
N VAL B 407 50.61 15.88 -21.07
CA VAL B 407 51.50 16.71 -21.84
C VAL B 407 52.03 17.86 -20.90
N GLY B 408 53.30 18.16 -21.03
CA GLY B 408 53.97 19.16 -20.22
C GLY B 408 54.41 18.68 -18.86
N GLN B 409 54.14 17.40 -18.49
CA GLN B 409 54.42 16.90 -17.15
C GLN B 409 54.93 15.46 -17.23
N GLY B 410 56.23 15.33 -17.45
CA GLY B 410 56.85 14.05 -17.80
C GLY B 410 56.67 13.00 -16.73
N ASN B 411 56.93 13.40 -15.47
CA ASN B 411 56.75 12.56 -14.29
C ASN B 411 55.33 11.98 -14.07
N THR B 412 54.34 12.33 -14.87
CA THR B 412 53.04 11.70 -14.79
C THR B 412 52.96 10.37 -15.52
N GLU B 413 54.03 9.89 -16.19
CA GLU B 413 53.95 8.72 -17.05
C GLU B 413 53.67 7.43 -16.29
N ARG B 414 52.72 6.59 -16.85
CA ARG B 414 52.43 5.26 -16.35
C ARG B 414 52.11 4.36 -17.53
N THR B 415 52.37 3.07 -17.37
CA THR B 415 52.08 2.08 -18.39
C THR B 415 50.66 1.61 -18.20
N VAL B 416 49.95 1.53 -19.32
CA VAL B 416 48.60 1.05 -19.40
C VAL B 416 48.61 -0.12 -20.37
N TRP B 417 48.16 -1.28 -19.91
CA TRP B 417 48.22 -2.51 -20.66
C TRP B 417 46.86 -2.76 -21.20
N GLN B 418 46.73 -2.71 -22.54
CA GLN B 418 45.44 -2.89 -23.21
C GLN B 418 45.35 -4.31 -23.79
N TYR B 419 44.36 -5.04 -23.34
CA TYR B 419 44.13 -6.42 -23.69
C TYR B 419 42.91 -6.39 -24.58
N HIS B 420 43.11 -6.59 -25.85
CA HIS B 420 42.08 -6.49 -26.87
C HIS B 420 41.69 -7.87 -27.32
N PHE B 421 40.54 -8.37 -26.80
CA PHE B 421 39.98 -9.64 -27.16
C PHE B 421 39.40 -9.55 -28.57
N ARG B 422 39.77 -10.53 -29.39
CA ARG B 422 39.59 -10.48 -30.84
C ARG B 422 38.61 -11.53 -31.38
N THR B 423 38.41 -12.60 -30.70
CA THR B 423 37.70 -13.73 -31.23
C THR B 423 36.30 -13.89 -30.75
N TRP B 424 35.70 -12.94 -29.99
CA TRP B 424 34.30 -13.09 -29.59
C TRP B 424 33.42 -13.11 -30.86
N PRO B 425 32.49 -14.08 -31.01
CA PRO B 425 31.70 -14.12 -32.23
C PRO B 425 30.77 -12.94 -32.44
N ASP B 426 30.52 -12.71 -33.75
CA ASP B 426 29.52 -11.75 -34.23
C ASP B 426 28.15 -12.17 -33.71
N HIS B 427 27.87 -13.49 -33.78
CA HIS B 427 26.64 -14.08 -33.28
C HIS B 427 26.97 -14.83 -31.98
N GLY B 428 26.23 -14.56 -30.93
CA GLY B 428 26.23 -15.42 -29.73
C GLY B 428 27.38 -15.19 -28.77
N VAL B 429 27.83 -16.29 -28.16
CA VAL B 429 28.92 -16.37 -27.18
C VAL B 429 29.97 -17.39 -27.72
N PRO B 430 31.23 -17.35 -27.24
CA PRO B 430 32.16 -18.43 -27.61
C PRO B 430 31.63 -19.82 -27.22
N SER B 431 31.89 -20.79 -28.09
CA SER B 431 31.49 -22.17 -27.87
C SER B 431 32.33 -22.81 -26.77
N ASP B 432 33.55 -22.34 -26.53
CA ASP B 432 34.36 -22.81 -25.44
C ASP B 432 34.84 -21.63 -24.59
N PRO B 433 34.70 -21.67 -23.24
CA PRO B 433 35.22 -20.57 -22.42
C PRO B 433 36.72 -20.52 -22.17
N GLY B 434 37.54 -21.47 -22.67
CA GLY B 434 38.97 -21.48 -22.43
C GLY B 434 39.67 -20.21 -22.83
N GLY B 435 39.34 -19.69 -24.01
CA GLY B 435 39.92 -18.46 -24.49
C GLY B 435 39.69 -17.24 -23.61
N VAL B 436 38.45 -17.01 -23.20
CA VAL B 436 38.06 -15.94 -22.28
C VAL B 436 38.78 -16.15 -20.93
N LEU B 437 38.77 -17.38 -20.40
CA LEU B 437 39.41 -17.66 -19.10
C LEU B 437 40.93 -17.42 -19.08
N ASP B 438 41.65 -17.89 -20.11
CA ASP B 438 43.07 -17.66 -20.22
C ASP B 438 43.39 -16.15 -20.36
N PHE B 439 42.58 -15.46 -21.12
CA PHE B 439 42.69 -14.00 -21.26
C PHE B 439 42.48 -13.32 -19.89
N LEU B 440 41.39 -13.65 -19.17
CA LEU B 440 41.13 -13.04 -17.87
C LEU B 440 42.22 -13.39 -16.83
N GLU B 441 42.78 -14.62 -16.88
CA GLU B 441 43.88 -15.00 -15.98
C GLU B 441 45.09 -14.10 -16.17
N GLU B 442 45.44 -13.81 -17.43
CA GLU B 442 46.52 -12.93 -17.80
C GLU B 442 46.27 -11.45 -17.40
N VAL B 443 45.06 -10.97 -17.68
CA VAL B 443 44.59 -9.67 -17.18
C VAL B 443 44.71 -9.56 -15.64
N HIS B 444 44.27 -10.59 -14.93
CA HIS B 444 44.33 -10.62 -13.46
C HIS B 444 45.78 -10.49 -12.97
N HIS B 445 46.68 -11.30 -13.53
CA HIS B 445 48.06 -11.27 -13.07
C HIS B 445 48.73 -9.96 -13.39
N LYS B 446 48.42 -9.37 -14.55
CA LYS B 446 48.90 -8.04 -14.86
C LYS B 446 48.47 -7.01 -13.84
N GLN B 447 47.18 -6.95 -13.57
CA GLN B 447 46.63 -6.02 -12.59
C GLN B 447 47.28 -6.23 -11.19
N GLU B 448 47.39 -7.51 -10.77
CA GLU B 448 47.90 -7.87 -9.48
C GLU B 448 49.43 -7.53 -9.39
N SER B 449 50.15 -7.47 -10.48
CA SER B 449 51.56 -7.11 -10.52
C SER B 449 51.88 -5.64 -10.32
N ILE B 450 50.87 -4.76 -10.33
CA ILE B 450 51.08 -3.31 -10.39
C ILE B 450 50.54 -2.70 -9.12
N MET B 451 51.42 -2.06 -8.37
CA MET B 451 51.23 -1.92 -6.94
C MET B 451 49.98 -1.08 -6.58
N ASP B 452 49.78 0.05 -7.22
CA ASP B 452 48.70 0.97 -6.82
C ASP B 452 47.59 1.08 -7.89
N ALA B 453 47.47 0.08 -8.77
CA ALA B 453 46.63 0.18 -9.96
C ALA B 453 45.17 0.50 -9.57
N GLY B 454 44.56 1.40 -10.31
CA GLY B 454 43.16 1.72 -10.17
C GLY B 454 42.30 0.67 -10.82
N PRO B 455 41.01 0.98 -10.99
CA PRO B 455 40.10 -0.02 -11.56
C PRO B 455 40.45 -0.46 -12.95
N VAL B 456 40.06 -1.67 -13.29
CA VAL B 456 40.33 -2.24 -14.61
C VAL B 456 39.22 -1.70 -15.49
N VAL B 457 39.59 -1.05 -16.61
CA VAL B 457 38.60 -0.54 -17.55
C VAL B 457 38.16 -1.65 -18.46
N VAL B 458 36.85 -1.86 -18.58
CA VAL B 458 36.33 -2.98 -19.41
C VAL B 458 35.32 -2.33 -20.30
N HIS B 459 35.46 -2.51 -21.63
CA HIS B 459 34.58 -1.84 -22.59
C HIS B 459 34.41 -2.52 -23.97
N CYS B 460 33.34 -2.11 -24.67
CA CYS B 460 33.22 -1.72 -26.14
C CYS B 460 31.74 -1.73 -26.44
N SER B 461 31.29 -1.47 -27.67
CA SER B 461 29.88 -1.49 -28.01
C SER B 461 29.13 -0.52 -26.99
N ALA B 462 27.98 -0.92 -26.40
CA ALA B 462 27.32 -0.13 -25.40
C ALA B 462 27.86 -0.31 -23.95
N GLY B 463 28.74 -1.28 -23.72
CA GLY B 463 29.39 -1.46 -22.43
C GLY B 463 28.57 -2.14 -21.35
N ILE B 464 27.64 -3.02 -21.75
CA ILE B 464 26.74 -3.66 -20.79
C ILE B 464 26.63 -5.18 -21.00
N GLY B 465 26.67 -5.68 -22.25
CA GLY B 465 26.48 -7.09 -22.53
C GLY B 465 27.73 -7.93 -22.40
N ARG B 466 28.68 -7.84 -23.37
CA ARG B 466 29.95 -8.56 -23.25
C ARG B 466 30.73 -7.98 -22.07
N THR B 467 30.70 -6.64 -21.88
CA THR B 467 31.38 -6.04 -20.71
C THR B 467 30.90 -6.64 -19.37
N GLY B 468 29.58 -6.77 -19.21
CA GLY B 468 29.01 -7.31 -18.00
C GLY B 468 29.37 -8.78 -17.83
N THR B 469 29.35 -9.54 -18.93
CA THR B 469 29.75 -10.96 -18.88
C THR B 469 31.18 -11.13 -18.44
N PHE B 470 32.11 -10.43 -19.06
CA PHE B 470 33.52 -10.49 -18.67
C PHE B 470 33.74 -10.08 -17.20
N ILE B 471 33.11 -8.97 -16.76
CA ILE B 471 33.28 -8.53 -15.37
C ILE B 471 32.71 -9.61 -14.39
N VAL B 472 31.52 -10.19 -14.67
CA VAL B 472 30.91 -11.16 -13.75
C VAL B 472 31.77 -12.42 -13.68
N ILE B 473 32.24 -12.95 -14.83
CA ILE B 473 33.15 -14.08 -14.84
C ILE B 473 34.41 -13.72 -14.03
N ASP B 474 34.95 -12.53 -14.22
CA ASP B 474 36.13 -12.14 -13.47
C ASP B 474 35.90 -12.11 -11.98
N ILE B 475 34.79 -11.59 -11.56
CA ILE B 475 34.40 -11.56 -10.15
C ILE B 475 34.28 -12.98 -9.58
N LEU B 476 33.51 -13.84 -10.24
CA LEU B 476 33.34 -15.21 -9.78
C LEU B 476 34.64 -16.01 -9.71
N ILE B 477 35.47 -15.95 -10.77
CA ILE B 477 36.75 -16.62 -10.80
C ILE B 477 37.71 -16.11 -9.71
N ASP B 478 37.73 -14.82 -9.46
CA ASP B 478 38.50 -14.22 -8.37
C ASP B 478 38.23 -14.92 -6.99
N ILE B 479 36.98 -15.23 -6.69
CA ILE B 479 36.58 -15.92 -5.45
C ILE B 479 37.25 -17.30 -5.39
N ILE B 480 37.19 -18.04 -6.47
CA ILE B 480 37.68 -19.39 -6.52
C ILE B 480 39.19 -19.44 -6.56
N ARG B 481 39.86 -18.58 -7.34
CA ARG B 481 41.32 -18.52 -7.35
C ARG B 481 41.88 -18.26 -5.94
N GLU B 482 41.22 -17.40 -5.14
CA GLU B 482 41.62 -17.05 -3.75
C GLU B 482 41.18 -18.10 -2.67
N LYS B 483 39.86 -18.46 -2.61
CA LYS B 483 39.27 -19.40 -1.63
C LYS B 483 39.20 -20.86 -2.09
N GLY B 484 39.71 -21.17 -3.26
CA GLY B 484 39.69 -22.52 -3.79
C GLY B 484 38.31 -23.00 -4.18
N VAL B 485 38.20 -24.30 -4.45
CA VAL B 485 36.96 -24.90 -4.92
C VAL B 485 35.88 -24.99 -3.82
N ASP B 486 36.23 -24.83 -2.54
CA ASP B 486 35.26 -24.99 -1.45
C ASP B 486 34.93 -23.63 -0.90
N CYS B 487 34.18 -22.87 -1.70
CA CYS B 487 33.70 -21.51 -1.45
C CYS B 487 32.31 -21.40 -2.07
N ASP B 488 31.47 -20.49 -1.57
CA ASP B 488 30.12 -20.35 -2.11
C ASP B 488 30.11 -19.29 -3.20
N ILE B 489 29.49 -19.63 -4.34
CA ILE B 489 29.16 -18.66 -5.35
C ILE B 489 27.65 -18.65 -5.62
N ASP B 490 27.19 -17.52 -6.18
CA ASP B 490 25.82 -17.28 -6.51
C ASP B 490 25.74 -16.33 -7.73
N VAL B 491 25.67 -16.95 -8.91
CA VAL B 491 25.74 -16.29 -10.21
C VAL B 491 24.67 -15.17 -10.34
N PRO B 492 23.34 -15.46 -10.22
CA PRO B 492 22.36 -14.35 -10.36
C PRO B 492 22.47 -13.26 -9.32
N LYS B 493 22.88 -13.60 -8.09
CA LYS B 493 23.01 -12.60 -7.04
C LYS B 493 24.14 -11.64 -7.38
N THR B 494 25.25 -12.17 -7.90
CA THR B 494 26.40 -11.35 -8.32
C THR B 494 25.99 -10.46 -9.47
N ILE B 495 25.26 -11.00 -10.44
CA ILE B 495 24.81 -10.23 -11.59
C ILE B 495 23.91 -9.08 -11.15
N GLN B 496 22.89 -9.35 -10.29
CA GLN B 496 22.03 -8.29 -9.75
C GLN B 496 22.79 -7.18 -9.05
N MET B 497 23.80 -7.52 -8.32
CA MET B 497 24.66 -6.56 -7.64
C MET B 497 25.44 -5.67 -8.67
N VAL B 498 25.85 -6.28 -9.79
CA VAL B 498 26.57 -5.52 -10.82
C VAL B 498 25.59 -4.67 -11.62
N ARG B 499 24.41 -5.22 -11.93
CA ARG B 499 23.31 -4.48 -12.49
C ARG B 499 22.77 -3.27 -11.68
N SER B 500 22.97 -3.23 -10.36
CA SER B 500 22.66 -2.04 -9.59
C SER B 500 23.67 -0.92 -9.78
N GLN B 501 24.80 -1.19 -10.49
CA GLN B 501 25.83 -0.21 -10.70
C GLN B 501 25.99 0.23 -12.17
N ARG B 502 25.49 -0.53 -13.14
CA ARG B 502 25.30 -0.07 -14.51
C ARG B 502 24.18 -0.86 -15.14
N SER B 503 23.34 -0.18 -15.98
CA SER B 503 22.12 -0.80 -16.48
C SER B 503 22.36 -2.02 -17.32
N GLY B 504 21.62 -3.10 -17.04
CA GLY B 504 21.56 -4.23 -17.95
C GLY B 504 22.86 -5.01 -18.09
N MET B 505 23.76 -4.98 -17.10
CA MET B 505 24.99 -5.76 -17.14
C MET B 505 24.65 -7.27 -17.23
N VAL B 506 25.13 -7.93 -18.31
CA VAL B 506 24.72 -9.23 -18.82
C VAL B 506 23.38 -9.08 -19.52
N GLN B 507 23.38 -9.24 -20.82
CA GLN B 507 22.23 -8.92 -21.67
C GLN B 507 21.33 -10.14 -21.96
N THR B 508 21.93 -11.31 -22.16
CA THR B 508 21.22 -12.48 -22.76
C THR B 508 21.39 -13.77 -21.92
N GLU B 509 20.43 -14.73 -22.09
CA GLU B 509 20.55 -16.11 -21.60
C GLU B 509 21.77 -16.77 -22.07
N ALA B 510 22.18 -16.54 -23.32
CA ALA B 510 23.41 -17.13 -23.83
C ALA B 510 24.64 -16.73 -23.00
N GLN B 511 24.74 -15.46 -22.64
CA GLN B 511 25.82 -14.95 -21.79
C GLN B 511 25.70 -15.53 -20.40
N TYR B 512 24.47 -15.55 -19.86
CA TYR B 512 24.18 -16.17 -18.57
C TYR B 512 24.71 -17.60 -18.44
N ARG B 513 24.38 -18.44 -19.43
CA ARG B 513 24.82 -19.82 -19.50
C ARG B 513 26.33 -19.87 -19.66
N PHE B 514 26.90 -18.97 -20.50
CA PHE B 514 28.33 -18.93 -20.73
C PHE B 514 29.09 -18.61 -19.43
N ILE B 515 28.52 -17.77 -18.54
CA ILE B 515 29.15 -17.45 -17.26
C ILE B 515 29.26 -18.75 -16.43
N TYR B 516 28.16 -19.55 -16.36
CA TYR B 516 28.20 -20.83 -15.68
C TYR B 516 29.22 -21.76 -16.26
N MET B 517 29.21 -21.91 -17.60
CA MET B 517 30.17 -22.73 -18.35
C MET B 517 31.60 -22.31 -18.11
N ALA B 518 31.86 -20.99 -17.96
CA ALA B 518 33.20 -20.52 -17.75
C ALA B 518 33.66 -20.87 -16.31
N VAL B 519 32.78 -20.68 -15.35
CA VAL B 519 33.05 -21.01 -13.96
C VAL B 519 33.30 -22.53 -13.84
N GLN B 520 32.49 -23.36 -14.50
CA GLN B 520 32.66 -24.81 -14.53
C GLN B 520 34.03 -25.20 -15.09
N HIS B 521 34.40 -24.64 -16.25
CA HIS B 521 35.69 -24.91 -16.90
C HIS B 521 36.84 -24.48 -16.01
N TYR B 522 36.72 -23.33 -15.35
CA TYR B 522 37.76 -22.87 -14.41
C TYR B 522 37.95 -23.87 -13.24
N ILE B 523 36.86 -24.34 -12.68
CA ILE B 523 36.87 -25.32 -11.60
C ILE B 523 37.52 -26.63 -12.08
N GLU B 524 37.02 -27.19 -13.17
CA GLU B 524 37.56 -28.40 -13.82
C GLU B 524 39.07 -28.30 -14.14
N THR B 525 39.58 -27.17 -14.69
CA THR B 525 41.01 -27.05 -14.97
C THR B 525 41.84 -26.97 -13.68
N LEU B 526 41.29 -26.35 -12.65
CA LEU B 526 41.86 -26.38 -11.30
C LEU B 526 41.92 -27.83 -10.76
N GLN B 527 40.84 -28.61 -10.91
CA GLN B 527 40.80 -29.97 -10.39
C GLN B 527 41.74 -30.90 -11.16
N ARG B 528 41.87 -30.74 -12.49
CA ARG B 528 42.81 -31.54 -13.27
C ARG B 528 44.26 -31.21 -12.92
N ARG B 529 44.58 -29.93 -12.63
CA ARG B 529 45.94 -29.60 -12.18
C ARG B 529 46.35 -30.29 -10.86
N LEU B 530 45.41 -30.86 -10.11
CA LEU B 530 45.70 -31.52 -8.84
C LEU B 530 45.78 -33.09 -8.93
C1 A1H4O C . -22.74 16.40 -3.10
C2 A1H4O C . -22.51 15.47 -1.90
C5 A1H4O C . -20.83 14.80 -0.15
C7 A1H4O C . -23.12 15.00 0.51
C8 A1H4O C . -23.46 15.81 -0.73
C10 A1H4O C . -20.16 15.36 2.76
C12 A1H4O C . -20.53 14.31 4.76
C13 A1H4O C . -20.35 13.87 6.07
C14 A1H4O C . -21.45 13.12 6.41
C16 A1H4O C . -21.73 13.84 4.34
C19 A1H4O C . -18.87 15.44 7.30
C21 A1H4O C . -17.00 14.67 8.57
C22 A1H4O C . -17.30 13.38 8.21
C24 A1H4O C . -18.39 13.10 7.40
N3 A1H4O C . -22.79 14.08 -2.40
C4 A1H4O C . -21.06 15.58 -1.42
N6 A1H4O C . -21.74 15.24 0.92
C9 A1H4O C . -21.36 14.91 2.25
N11 A1H4O C . -19.72 15.10 3.99
N15 A1H4O C . -22.28 13.12 5.34
C17 A1H4O C . -22.18 14.14 3.07
C18 A1H4O C . -19.18 14.13 6.94
C20 A1H4O C . -17.78 15.70 8.12
CL23 A1H4O C . -16.30 12.07 8.76
CL25 A1H4O C . -18.70 11.47 6.97
H31 A1H4O C . -21.95 16.39 -3.69
H30 A1H4O C . -22.89 17.31 -2.78
H32 A1H4O C . -23.52 16.10 -3.61
H35 A1H4O C . -20.97 13.84 -0.33
H36 A1H4O C . -19.90 14.93 0.14
H38 A1H4O C . -23.72 15.25 1.23
H37 A1H4O C . -23.24 14.04 0.32
H39 A1H4O C . -23.38 16.76 -0.53
H40 A1H4O C . -24.38 15.63 -0.99
H41 A1H4O C . -19.61 15.90 2.20
H42 A1H4O C . -21.60 12.69 7.23
H44 A1H4O C . -19.41 16.16 7.00
H46 A1H4O C . -16.24 14.85 9.13
H28 A1H4O C . -22.38 13.94 -3.21
H27 A1H4O C . -23.69 13.95 -2.50
H33 A1H4O C . -20.46 15.26 -2.12
H34 A1H4O C . -20.86 16.53 -1.25
H29 A1H4O C . -23.07 12.70 5.31
H43 A1H4O C . -23.02 13.80 2.76
H45 A1H4O C . -17.59 16.60 8.38
H26 A1H4O C . -22.47 13.46 -1.81
C1 A1H4O D . 12.24 -23.61 -7.63
C2 A1H4O D . 12.64 -22.21 -8.13
C5 A1H4O D . 14.44 -20.90 -9.31
C7 A1H4O D . 13.49 -19.93 -7.34
C8 A1H4O D . 12.80 -21.24 -6.95
C10 A1H4O D . 15.86 -18.22 -7.12
C12 A1H4O D . 16.93 -16.66 -8.40
C13 A1H4O D . 17.62 -15.53 -8.74
C14 A1H4O D . 17.77 -15.52 -10.11
C16 A1H4O D . 16.61 -17.34 -9.55
C19 A1H4O D . 19.07 -14.94 -6.83
C21 A1H4O D . 19.25 -12.72 -5.99
C22 A1H4O D . 18.33 -12.31 -6.95
C24 A1H4O D . 17.79 -13.21 -7.85
N3 A1H4O D . 11.49 -21.75 -8.98
C4 A1H4O D . 13.91 -22.27 -8.99
N6 A1H4O D . 14.74 -20.17 -8.08
C9 A1H4O D . 15.51 -18.98 -8.24
N11 A1H4O D . 16.57 -17.10 -7.16
N15 A1H4O D . 17.12 -16.63 -10.61
C17 A1H4O D . 15.88 -18.50 -9.50
C18 A1H4O D . 18.16 -14.53 -7.81
C20 A1H4O D . 19.62 -14.04 -5.95
CL23 A1H4O D . 17.86 -10.65 -7.02
CL25 A1H4O D . 16.66 -12.63 -9.01
H31 A1H4O D . 11.61 -23.52 -6.89
H30 A1H4O D . 13.04 -24.08 -7.32
H32 A1H4O D . 11.82 -24.11 -8.35
H35 A1H4O D . 13.79 -20.39 -9.83
H36 A1H4O D . 15.26 -20.97 -9.85
H38 A1H4O D . 13.69 -19.42 -6.52
H37 A1H4O D . 12.88 -19.40 -7.89
H39 A1H4O D . 11.92 -21.03 -6.59
H40 A1H4O D . 13.33 -21.68 -6.25
H41 A1H4O D . 15.59 -18.55 -6.26
H42 A1H4O D . 18.21 -14.86 -10.63
H44 A1H4O D . 19.34 -15.86 -6.80
H46 A1H4O D . 19.60 -12.10 -5.37
H28 A1H4O D . 11.45 -22.27 -9.75
H27 A1H4O D . 10.71 -21.84 -8.53
H33 A1H4O D . 14.60 -22.78 -8.51
H34 A1H4O D . 13.70 -22.74 -9.83
H29 A1H4O D . 17.06 -16.85 -11.47
H43 A1H4O D . 15.66 -18.98 -10.30
H45 A1H4O D . 20.24 -14.34 -5.28
H26 A1H4O D . 11.61 -20.88 -9.23
#